data_3NNO
#
_entry.id   3NNO
#
_cell.length_a   90.250
_cell.length_b   101.900
_cell.length_c   164.080
_cell.angle_alpha   90.00
_cell.angle_beta   90.00
_cell.angle_gamma   90.00
#
_symmetry.space_group_name_H-M   'I 2 2 2'
#
loop_
_entity.id
_entity.type
_entity.pdbx_description
1 polymer 'Peptidoglycan recognition protein 1'
2 non-polymer 'L(+)-TARTARIC ACID'
3 non-polymer alpha-L-rhamnopyranose
4 water water
#
_entity_poly.entity_id   1
_entity_poly.type   'polypeptide(L)'
_entity_poly.pdbx_seq_one_letter_code
;EDPPACGSIVPRREWRALASECRERLTRPVRYVVVSHTAGSHCDTPASCAQQAQNVQSYHVRNLGWCDVGYNFLIGEDGL
VYEGRGWNIKGAHAGPTWNPISIGISFMGNYMNRVPPPRALRAAQNLLACGVALGALRSNYEVKGHRDVQPTLSPGDRLY
EIIQTWSHYRA
;
_entity_poly.pdbx_strand_id   A,B,C,D
#
loop_
_chem_comp.id
_chem_comp.type
_chem_comp.name
_chem_comp.formula
RAM L-saccharide, alpha linking alpha-L-rhamnopyranose 'C6 H12 O5'
TLA non-polymer 'L(+)-TARTARIC ACID' 'C4 H6 O6'
#
# COMPACT_ATOMS: atom_id res chain seq x y z
N GLU A 1 10.73 17.10 -4.67
CA GLU A 1 10.05 16.32 -5.75
C GLU A 1 8.76 17.02 -6.25
N ASP A 2 7.59 16.45 -5.91
CA ASP A 2 6.26 17.01 -6.25
C ASP A 2 5.66 17.88 -5.11
N PRO A 3 5.56 19.22 -5.33
CA PRO A 3 5.09 20.21 -4.32
C PRO A 3 3.73 20.03 -3.53
N PRO A 4 2.67 19.41 -4.13
CA PRO A 4 1.39 19.25 -3.39
C PRO A 4 1.51 18.84 -1.90
N ALA A 5 1.20 19.79 -1.01
CA ALA A 5 1.26 19.61 0.46
C ALA A 5 0.24 18.60 1.02
N CYS A 6 0.46 18.17 2.27
CA CYS A 6 -0.28 17.01 2.85
C CYS A 6 -0.53 16.98 4.39
N GLY A 7 -1.61 16.31 4.78
CA GLY A 7 -1.93 16.11 6.20
C GLY A 7 -2.29 17.41 6.89
N SER A 8 -2.89 17.29 8.06
CA SER A 8 -3.18 18.46 8.88
C SER A 8 -2.35 18.34 10.15
N ILE A 9 -1.06 18.61 9.98
CA ILE A 9 -0.05 18.48 11.02
C ILE A 9 0.10 19.78 11.79
N VAL A 10 -0.01 19.67 13.11
CA VAL A 10 0.19 20.80 13.97
C VAL A 10 1.69 20.97 14.09
N PRO A 11 2.23 22.11 13.62
CA PRO A 11 3.66 22.41 13.62
C PRO A 11 4.19 22.65 15.01
N ARG A 12 5.48 22.40 15.23
CA ARG A 12 6.11 22.55 16.56
C ARG A 12 5.82 23.88 17.24
N ARG A 13 5.98 24.97 16.47
CA ARG A 13 5.76 26.28 17.04
C ARG A 13 4.37 26.35 17.67
N GLU A 14 3.39 25.70 17.04
CA GLU A 14 2.00 25.77 17.50
C GLU A 14 1.77 25.10 18.86
N TRP A 15 2.48 24.01 19.18
CA TRP A 15 2.29 23.42 20.49
C TRP A 15 3.32 23.88 21.53
N ARG A 16 4.17 24.82 21.10
CA ARG A 16 5.14 25.54 21.95
C ARG A 16 6.29 24.63 22.36
N ALA A 17 6.89 23.98 21.37
CA ALA A 17 7.93 23.03 21.66
C ALA A 17 9.23 23.76 21.81
N LEU A 18 10.06 23.28 22.72
CA LEU A 18 11.45 23.67 22.78
C LEU A 18 12.13 23.37 21.44
N ALA A 19 13.19 24.11 21.14
CA ALA A 19 14.01 23.91 19.94
C ALA A 19 14.63 22.53 19.90
N SER A 20 14.73 21.95 18.71
CA SER A 20 15.44 20.69 18.53
C SER A 20 16.95 20.92 18.50
N GLU A 21 17.69 19.93 18.98
CA GLU A 21 19.13 19.94 18.91
C GLU A 21 19.58 18.78 18.02
N CYS A 22 18.61 18.00 17.53
CA CYS A 22 18.92 16.80 16.76
C CYS A 22 19.54 17.20 15.44
N ARG A 23 20.60 16.50 15.02
CA ARG A 23 21.24 16.82 13.73
C ARG A 23 21.25 15.70 12.68
N GLU A 24 21.09 14.44 13.12
CA GLU A 24 21.17 13.30 12.20
C GLU A 24 19.95 13.24 11.28
N ARG A 25 20.21 13.01 9.99
CA ARG A 25 19.13 12.86 9.00
C ARG A 25 18.83 11.38 8.73
N LEU A 26 17.64 11.14 8.16
CA LEU A 26 17.15 9.81 7.86
C LEU A 26 17.18 9.72 6.33
N THR A 27 17.63 8.61 5.77
CA THR A 27 17.73 8.53 4.32
C THR A 27 16.34 8.30 3.72
N ARG A 28 15.94 9.19 2.81
CA ARG A 28 14.65 9.09 2.14
C ARG A 28 14.83 8.24 0.88
N PRO A 29 13.84 7.39 0.55
CA PRO A 29 12.64 7.12 1.31
C PRO A 29 12.87 6.09 2.39
N VAL A 30 12.07 6.21 3.46
CA VAL A 30 12.12 5.35 4.63
C VAL A 30 11.23 4.16 4.37
N ARG A 31 11.64 2.99 4.87
CA ARG A 31 10.92 1.73 4.67
C ARG A 31 10.01 1.28 5.80
N TYR A 32 10.32 1.62 7.05
CA TYR A 32 9.52 1.09 8.16
C TYR A 32 8.83 2.17 8.95
N VAL A 33 7.60 1.87 9.35
CA VAL A 33 6.90 2.69 10.34
C VAL A 33 6.70 1.89 11.63
N VAL A 34 7.21 2.42 12.74
CA VAL A 34 7.03 1.71 14.00
C VAL A 34 6.02 2.43 14.88
N VAL A 35 4.93 1.74 15.23
CA VAL A 35 3.84 2.33 16.02
C VAL A 35 3.95 2.01 17.51
N SER A 36 3.91 3.04 18.33
CA SER A 36 4.05 2.90 19.77
C SER A 36 2.96 3.67 20.46
N HIS A 37 2.81 3.42 21.76
CA HIS A 37 2.03 4.33 22.56
C HIS A 37 2.90 5.05 23.58
N THR A 38 2.44 6.23 23.95
CA THR A 38 3.04 7.06 24.94
C THR A 38 2.97 6.45 26.35
N ALA A 39 1.93 5.65 26.65
CA ALA A 39 1.69 5.13 28.01
C ALA A 39 1.55 6.25 29.04
N GLY A 40 1.28 7.47 28.58
CA GLY A 40 0.97 8.60 29.43
C GLY A 40 -0.49 9.03 29.38
N SER A 41 -0.77 10.26 29.78
CA SER A 41 -2.16 10.71 29.80
C SER A 41 -2.77 10.82 28.41
N HIS A 42 -4.08 10.63 28.29
CA HIS A 42 -4.71 10.91 26.99
C HIS A 42 -5.28 12.33 27.00
N CYS A 43 -5.62 12.84 25.81
CA CYS A 43 -6.22 14.17 25.66
C CYS A 43 -7.23 14.09 24.55
N ASP A 44 -8.31 14.87 24.63
CA ASP A 44 -9.27 14.80 23.53
C ASP A 44 -9.68 16.15 22.96
N THR A 45 -8.86 17.18 23.17
CA THR A 45 -9.12 18.52 22.64
C THR A 45 -7.80 19.14 22.18
N PRO A 46 -7.82 19.92 21.07
CA PRO A 46 -6.58 20.58 20.61
C PRO A 46 -5.83 21.30 21.73
N ALA A 47 -6.57 21.71 22.76
CA ALA A 47 -6.01 22.45 23.87
C ALA A 47 -5.24 21.50 24.76
N SER A 48 -5.85 20.38 25.10
CA SER A 48 -5.25 19.47 26.07
C SER A 48 -4.12 18.66 25.46
N CYS A 49 -4.17 18.46 24.13
CA CYS A 49 -3.15 17.67 23.42
C CYS A 49 -1.89 18.46 23.15
N ALA A 50 -2.00 19.75 22.86
CA ALA A 50 -0.85 20.61 22.69
C ALA A 50 -0.04 20.52 23.97
N GLN A 51 -0.78 20.57 25.06
CA GLN A 51 -0.27 20.37 26.39
C GLN A 51 0.49 19.05 26.50
N GLN A 52 -0.18 17.95 26.17
CA GLN A 52 0.42 16.62 26.26
C GLN A 52 1.73 16.47 25.49
N ALA A 53 1.72 16.96 24.24
CA ALA A 53 2.90 17.00 23.40
C ALA A 53 4.06 17.58 24.19
N GLN A 54 3.81 18.72 24.83
CA GLN A 54 4.81 19.40 25.62
C GLN A 54 5.41 18.59 26.76
N ASN A 55 4.58 17.89 27.54
CA ASN A 55 5.11 17.10 28.66
C ASN A 55 5.95 15.92 28.19
N VAL A 56 5.52 15.28 27.11
CA VAL A 56 6.25 14.17 26.57
C VAL A 56 7.62 14.66 26.08
N GLN A 57 7.67 15.78 25.34
CA GLN A 57 8.95 16.33 24.90
C GLN A 57 9.76 16.82 26.09
N SER A 58 9.05 17.51 26.97
CA SER A 58 9.66 18.03 28.16
C SER A 58 10.37 16.87 28.88
N TYR A 59 9.63 15.79 29.13
CA TYR A 59 10.19 14.65 29.81
C TYR A 59 11.37 13.97 29.04
N HIS A 60 11.34 14.06 27.70
CA HIS A 60 12.41 13.51 26.86
C HIS A 60 13.66 14.36 26.84
N VAL A 61 13.49 15.67 26.79
CA VAL A 61 14.64 16.57 26.71
C VAL A 61 15.21 16.83 28.10
N ARG A 62 14.37 17.31 28.99
CA ARG A 62 14.76 17.70 30.36
C ARG A 62 15.29 16.58 31.22
N ASN A 63 14.67 15.41 31.14
CA ASN A 63 14.99 14.27 32.00
C ASN A 63 15.88 13.21 31.39
N LEU A 64 15.53 12.76 30.18
CA LEU A 64 16.29 11.77 29.47
C LEU A 64 17.46 12.38 28.67
N GLY A 65 17.49 13.68 28.51
CA GLY A 65 18.61 14.32 27.83
C GLY A 65 18.73 14.03 26.34
N TRP A 66 17.62 13.66 25.70
CA TRP A 66 17.61 13.54 24.23
C TRP A 66 17.54 14.92 23.60
N CYS A 67 17.78 14.99 22.29
CA CYS A 67 17.90 16.28 21.59
C CYS A 67 16.55 16.90 21.35
N ASP A 68 15.50 16.07 21.41
CA ASP A 68 14.14 16.46 21.05
C ASP A 68 13.23 15.31 21.48
N VAL A 69 11.92 15.55 21.50
CA VAL A 69 10.92 14.46 21.59
C VAL A 69 11.38 13.24 20.75
N GLY A 70 11.32 12.06 21.33
CA GLY A 70 11.87 10.89 20.66
C GLY A 70 11.10 10.47 19.42
N TYR A 71 9.83 10.87 19.33
CA TYR A 71 9.01 10.45 18.20
C TYR A 71 9.06 11.36 16.98
N ASN A 72 8.76 10.77 15.83
CA ASN A 72 8.69 11.52 14.59
C ASN A 72 7.37 12.26 14.52
N PHE A 73 6.31 11.63 15.04
CA PHE A 73 5.02 12.25 15.10
C PHE A 73 4.28 11.67 16.30
N LEU A 74 3.34 12.46 16.82
CA LEU A 74 2.45 12.10 17.90
C LEU A 74 1.02 12.23 17.39
N ILE A 75 0.11 11.39 17.88
CA ILE A 75 -1.26 11.38 17.41
C ILE A 75 -2.11 11.63 18.59
N GLY A 76 -3.13 12.49 18.43
CA GLY A 76 -4.08 12.80 19.50
C GLY A 76 -5.44 12.15 19.33
N GLU A 77 -6.18 12.02 20.42
CA GLU A 77 -7.51 11.48 20.42
C GLU A 77 -8.37 12.65 20.04
N ASP A 78 -7.52 13.74 19.97
CA ASP A 78 -7.79 15.01 19.31
C ASP A 78 -8.26 14.78 17.87
N GLY A 79 -7.77 13.76 17.27
CA GLY A 79 -7.85 13.62 15.83
C GLY A 79 -6.80 14.41 15.06
N LEU A 80 -5.81 15.00 15.74
CA LEU A 80 -4.72 15.70 15.04
C LEU A 80 -3.35 15.05 15.20
N VAL A 81 -2.49 15.33 14.22
CA VAL A 81 -1.10 14.88 14.23
C VAL A 81 -0.24 16.02 14.71
N TYR A 82 0.60 15.72 15.70
CA TYR A 82 1.57 16.64 16.24
C TYR A 82 2.94 16.34 15.63
N GLU A 83 3.57 17.38 15.10
CA GLU A 83 4.87 17.23 14.49
C GLU A 83 5.93 17.09 15.55
N GLY A 84 6.62 15.95 15.53
CA GLY A 84 7.74 15.69 16.43
C GLY A 84 9.05 15.98 15.71
N ARG A 85 9.89 14.96 15.57
CA ARG A 85 11.11 15.16 14.80
C ARG A 85 10.87 15.29 13.27
N GLY A 86 9.66 14.96 12.82
CA GLY A 86 9.29 15.14 11.41
C GLY A 86 9.84 14.04 10.53
N TRP A 87 9.71 14.24 9.23
CA TRP A 87 10.03 13.20 8.27
C TRP A 87 11.51 13.00 8.09
N ASN A 88 12.30 14.05 8.36
CA ASN A 88 13.69 14.07 7.95
C ASN A 88 14.71 13.72 9.02
N ILE A 89 14.36 13.88 10.30
CA ILE A 89 15.29 13.63 11.42
C ILE A 89 15.12 12.25 12.06
N LYS A 90 16.23 11.56 12.29
CA LYS A 90 16.25 10.27 12.99
C LYS A 90 15.66 10.34 14.41
N GLY A 91 14.78 9.41 14.76
CA GLY A 91 14.14 9.42 16.06
C GLY A 91 14.91 8.66 17.13
N ALA A 92 14.28 8.47 18.28
CA ALA A 92 14.83 7.69 19.38
C ALA A 92 13.67 6.95 19.99
N HIS A 93 13.18 5.92 19.32
CA HIS A 93 11.88 5.36 19.69
C HIS A 93 11.87 3.84 19.70
N ALA A 94 12.90 3.23 19.11
CA ALA A 94 12.91 1.77 19.03
C ALA A 94 14.29 1.10 19.08
N GLY A 95 15.27 1.77 19.67
CA GLY A 95 16.59 1.16 19.77
C GLY A 95 17.40 1.41 18.51
N PRO A 96 18.73 1.18 18.59
CA PRO A 96 19.65 1.59 17.52
C PRO A 96 19.58 0.69 16.29
N THR A 97 19.15 -0.56 16.45
CA THR A 97 19.00 -1.40 15.27
C THR A 97 17.83 -0.90 14.40
N TRP A 98 16.83 -0.28 15.04
CA TRP A 98 15.63 0.19 14.33
C TRP A 98 15.44 1.70 14.13
N ASN A 99 16.06 2.55 14.95
CA ASN A 99 15.95 3.99 14.72
C ASN A 99 16.37 4.46 13.32
N PRO A 100 17.62 4.16 12.86
CA PRO A 100 18.10 4.75 11.60
C PRO A 100 17.27 4.44 10.36
N ILE A 101 16.35 3.49 10.47
CA ILE A 101 15.71 2.94 9.27
C ILE A 101 14.17 3.01 9.22
N SER A 102 13.58 3.73 10.17
CA SER A 102 12.12 3.78 10.36
C SER A 102 11.61 5.13 10.89
N ILE A 103 10.32 5.35 10.69
CA ILE A 103 9.56 6.42 11.30
C ILE A 103 8.82 5.86 12.51
N GLY A 104 8.92 6.56 13.62
CA GLY A 104 8.18 6.20 14.82
C GLY A 104 7.07 7.20 15.03
N ILE A 105 5.84 6.75 14.92
CA ILE A 105 4.66 7.56 15.24
C ILE A 105 4.08 6.98 16.52
N SER A 106 3.89 7.83 17.52
CA SER A 106 3.39 7.36 18.80
C SER A 106 1.99 7.90 19.06
N PHE A 107 1.12 7.05 19.55
CA PHE A 107 -0.21 7.49 19.98
C PHE A 107 -0.09 7.99 21.41
N MET A 108 -0.75 9.12 21.69
CA MET A 108 -0.69 9.75 23.01
C MET A 108 -1.74 9.17 23.97
N GLY A 109 -1.28 8.27 24.84
CA GLY A 109 -2.14 7.62 25.83
C GLY A 109 -1.62 6.24 26.14
N ASN A 110 -2.45 5.45 26.82
CA ASN A 110 -2.14 4.09 27.22
C ASN A 110 -3.19 3.15 26.65
N TYR A 111 -2.85 2.38 25.62
CA TYR A 111 -3.84 1.54 24.94
C TYR A 111 -3.81 0.05 25.26
N MET A 112 -3.34 -0.29 26.45
CA MET A 112 -3.47 -1.65 26.96
C MET A 112 -4.95 -2.01 27.14
N ASN A 113 -5.70 -1.07 27.70
CA ASN A 113 -7.07 -1.33 28.09
C ASN A 113 -8.12 -0.41 27.47
N ARG A 114 -7.66 0.57 26.69
CA ARG A 114 -8.51 1.48 25.97
C ARG A 114 -8.25 1.31 24.51
N VAL A 115 -9.22 1.65 23.68
CA VAL A 115 -9.03 1.66 22.24
C VAL A 115 -8.96 3.13 21.80
N PRO A 116 -8.09 3.48 20.82
CA PRO A 116 -8.22 4.88 20.38
C PRO A 116 -9.47 5.09 19.52
N PRO A 117 -10.01 6.32 19.51
CA PRO A 117 -11.16 6.66 18.66
C PRO A 117 -10.86 6.65 17.15
N PRO A 118 -11.88 6.34 16.30
CA PRO A 118 -11.73 6.40 14.82
C PRO A 118 -10.92 7.62 14.32
N ARG A 119 -11.16 8.72 14.94
CA ARG A 119 -10.56 9.96 14.67
C ARG A 119 -9.08 9.94 14.75
N ALA A 120 -8.56 9.23 15.71
CA ALA A 120 -7.11 9.13 15.93
C ALA A 120 -6.53 8.21 14.86
N LEU A 121 -7.23 7.11 14.60
CA LEU A 121 -6.77 6.12 13.68
C LEU A 121 -6.75 6.67 12.27
N ARG A 122 -7.73 7.51 11.93
CA ARG A 122 -7.77 8.08 10.59
C ARG A 122 -6.56 8.96 10.41
N ALA A 123 -6.30 9.82 11.39
CA ALA A 123 -5.17 10.77 11.34
C ALA A 123 -3.86 10.06 11.08
N ALA A 124 -3.72 8.92 11.75
CA ALA A 124 -2.53 8.10 11.73
C ALA A 124 -2.29 7.57 10.34
N GLN A 125 -3.32 6.98 9.74
CA GLN A 125 -3.21 6.37 8.42
C GLN A 125 -3.07 7.43 7.35
N ASN A 126 -3.72 8.56 7.59
CA ASN A 126 -3.63 9.70 6.72
C ASN A 126 -2.20 10.18 6.66
N LEU A 127 -1.55 10.25 7.84
CA LEU A 127 -0.18 10.75 7.97
C LEU A 127 0.74 9.88 7.16
N LEU A 128 0.50 8.57 7.22
CA LEU A 128 1.23 7.61 6.45
C LEU A 128 1.04 7.83 4.95
N ALA A 129 -0.19 8.03 4.52
CA ALA A 129 -0.46 8.30 3.12
C ALA A 129 0.31 9.52 2.58
N CYS A 130 0.43 10.57 3.39
CA CYS A 130 1.24 11.75 3.04
C CYS A 130 2.69 11.40 2.88
N GLY A 131 3.21 10.65 3.84
CA GLY A 131 4.58 10.16 3.76
C GLY A 131 4.83 9.63 2.37
N VAL A 132 4.00 8.70 1.96
CA VAL A 132 4.05 8.18 0.61
C VAL A 132 3.92 9.32 -0.43
N ALA A 133 2.87 10.14 -0.37
CA ALA A 133 2.72 11.26 -1.33
C ALA A 133 3.98 12.11 -1.44
N LEU A 134 4.54 12.52 -0.30
CA LEU A 134 5.76 13.32 -0.21
C LEU A 134 7.07 12.63 -0.59
N GLY A 135 7.09 11.30 -0.62
CA GLY A 135 8.32 10.56 -0.92
C GLY A 135 9.24 10.36 0.29
N ALA A 136 8.64 10.48 1.48
CA ALA A 136 9.35 10.30 2.73
C ALA A 136 9.32 8.82 3.07
N LEU A 137 8.22 8.20 2.68
CA LEU A 137 7.96 6.77 2.86
C LEU A 137 7.97 6.08 1.51
N ARG A 138 8.40 4.81 1.49
CA ARG A 138 8.29 3.97 0.29
C ARG A 138 6.82 3.67 0.01
N SER A 139 6.48 3.42 -1.23
CA SER A 139 5.09 3.08 -1.52
C SER A 139 4.78 1.76 -0.84
N ASN A 140 5.78 0.90 -0.77
CA ASN A 140 5.62 -0.40 -0.15
C ASN A 140 6.10 -0.47 1.32
N TYR A 141 6.00 0.67 2.02
CA TYR A 141 6.39 0.75 3.44
C TYR A 141 5.78 -0.34 4.28
N GLU A 142 6.48 -0.66 5.38
CA GLU A 142 6.04 -1.64 6.34
C GLU A 142 5.83 -1.04 7.71
N VAL A 143 4.68 -1.35 8.29
CA VAL A 143 4.27 -0.92 9.62
C VAL A 143 4.51 -2.05 10.60
N LYS A 144 5.23 -1.77 11.68
CA LYS A 144 5.46 -2.76 12.70
C LYS A 144 5.00 -2.21 14.02
N GLY A 145 4.52 -3.08 14.89
CA GLY A 145 4.31 -2.71 16.30
C GLY A 145 5.64 -2.50 17.01
N HIS A 146 5.65 -1.67 18.05
CA HIS A 146 6.82 -1.51 18.91
C HIS A 146 7.23 -2.85 19.53
N ARG A 147 6.21 -3.60 19.88
CA ARG A 147 6.23 -4.90 20.47
C ARG A 147 7.00 -5.85 19.61
N ASP A 148 6.98 -5.66 18.31
CA ASP A 148 7.58 -6.58 17.35
C ASP A 148 9.11 -6.41 17.21
N VAL A 149 9.67 -5.38 17.83
CA VAL A 149 11.05 -4.97 17.55
C VAL A 149 11.76 -4.60 18.84
N GLN A 150 11.02 -4.69 19.93
CA GLN A 150 11.55 -4.50 21.26
C GLN A 150 10.64 -5.22 22.24
N PRO A 151 11.16 -5.53 23.42
CA PRO A 151 10.36 -6.17 24.45
C PRO A 151 9.71 -5.10 25.31
N THR A 152 8.43 -4.87 25.03
CA THR A 152 7.65 -3.85 25.69
C THR A 152 6.23 -4.23 25.41
N LEU A 153 5.30 -3.63 26.15
CA LEU A 153 3.88 -3.86 25.88
C LEU A 153 3.40 -2.89 24.79
N SER A 154 4.11 -1.78 24.62
CA SER A 154 3.79 -0.79 23.60
C SER A 154 3.52 -1.45 22.23
N PRO A 155 2.45 -1.02 21.54
CA PRO A 155 1.58 0.13 21.81
C PRO A 155 0.30 -0.15 22.58
N GLY A 156 0.34 -1.11 23.49
CA GLY A 156 -0.86 -1.53 24.22
C GLY A 156 -1.67 -2.59 23.50
N ASP A 157 -2.20 -3.56 24.25
CA ASP A 157 -2.96 -4.68 23.69
C ASP A 157 -4.00 -4.28 22.65
N ARG A 158 -4.93 -3.38 23.02
CA ARG A 158 -6.01 -3.02 22.09
C ARG A 158 -5.48 -2.46 20.77
N LEU A 159 -4.60 -1.46 20.86
CA LEU A 159 -4.13 -0.75 19.68
C LEU A 159 -3.32 -1.68 18.79
N TYR A 160 -2.51 -2.53 19.40
CA TYR A 160 -1.77 -3.56 18.66
C TYR A 160 -2.72 -4.38 17.77
N GLU A 161 -3.84 -4.81 18.35
CA GLU A 161 -4.82 -5.60 17.62
C GLU A 161 -5.35 -4.89 16.38
N ILE A 162 -5.54 -3.57 16.49
CA ILE A 162 -5.96 -2.73 15.36
C ILE A 162 -4.94 -2.60 14.23
N ILE A 163 -3.66 -2.39 14.55
CA ILE A 163 -2.67 -2.18 13.52
C ILE A 163 -2.38 -3.49 12.77
N GLN A 164 -2.64 -4.61 13.42
CA GLN A 164 -2.50 -5.90 12.73
C GLN A 164 -3.39 -5.95 11.50
N THR A 165 -4.47 -5.18 11.58
CA THR A 165 -5.52 -5.05 10.60
C THR A 165 -5.15 -4.22 9.38
N TRP A 166 -4.03 -3.50 9.42
CA TRP A 166 -3.72 -2.55 8.34
C TRP A 166 -3.06 -3.20 7.13
N SER A 167 -3.33 -2.68 5.94
CA SER A 167 -2.70 -3.16 4.69
C SER A 167 -1.18 -3.31 4.79
N HIS A 168 -0.51 -2.33 5.40
CA HIS A 168 0.94 -2.29 5.34
C HIS A 168 1.62 -2.99 6.53
N TYR A 169 0.84 -3.61 7.41
CA TYR A 169 1.40 -4.36 8.56
C TYR A 169 2.15 -5.64 8.19
N ARG A 170 3.35 -5.82 8.74
CA ARG A 170 4.16 -6.99 8.42
C ARG A 170 4.70 -7.71 9.65
N ALA A 171 4.53 -9.04 9.67
CA ALA A 171 4.90 -9.95 10.79
C ALA A 171 5.92 -9.34 11.76
N GLU B 1 -13.96 -0.82 2.90
CA GLU B 1 -13.09 -1.23 3.99
C GLU B 1 -11.61 -1.23 3.59
N ASP B 2 -11.24 -0.14 2.93
CA ASP B 2 -9.86 0.14 2.51
C ASP B 2 -9.37 1.41 3.20
N PRO B 3 -8.33 2.00 2.63
CA PRO B 3 -7.78 3.23 3.21
C PRO B 3 -8.75 4.40 3.21
N PRO B 4 -8.71 5.17 4.28
CA PRO B 4 -9.78 6.14 4.60
C PRO B 4 -9.98 7.37 3.71
N ALA B 5 -9.89 8.55 4.31
CA ALA B 5 -10.29 9.78 3.62
C ALA B 5 -9.20 10.79 3.76
N CYS B 6 -8.46 10.99 2.70
CA CYS B 6 -7.47 12.08 2.76
C CYS B 6 -8.21 13.23 3.41
N GLY B 7 -7.44 14.13 4.03
CA GLY B 7 -8.02 15.30 4.75
C GLY B 7 -8.71 15.00 6.09
N SER B 8 -8.65 13.73 6.53
CA SER B 8 -9.26 13.30 7.78
C SER B 8 -10.65 13.89 7.87
N ILE B 9 -11.54 13.41 7.02
CA ILE B 9 -12.88 13.92 6.99
C ILE B 9 -13.65 13.10 8.01
N VAL B 10 -14.46 13.77 8.83
CA VAL B 10 -15.31 13.07 9.77
C VAL B 10 -16.53 12.60 9.02
N PRO B 11 -16.80 11.29 9.05
CA PRO B 11 -17.93 10.73 8.32
C PRO B 11 -19.30 11.09 8.90
N ARG B 12 -20.31 11.07 8.03
CA ARG B 12 -21.69 11.33 8.40
C ARG B 12 -22.10 10.56 9.63
N ARG B 13 -21.94 9.25 9.59
CA ARG B 13 -22.30 8.43 10.73
C ARG B 13 -21.60 8.83 12.05
N GLU B 14 -20.33 9.25 11.97
CA GLU B 14 -19.61 9.65 13.18
C GLU B 14 -20.14 10.92 13.89
N TRP B 15 -20.65 11.91 13.15
CA TRP B 15 -21.30 13.08 13.79
C TRP B 15 -22.82 12.97 13.94
N ARG B 16 -23.30 11.73 13.73
CA ARG B 16 -24.73 11.36 13.89
C ARG B 16 -25.73 12.10 13.01
N ALA B 17 -25.52 12.03 11.69
CA ALA B 17 -26.27 12.85 10.76
C ALA B 17 -27.53 12.16 10.32
N LEU B 18 -28.65 12.89 10.32
CA LEU B 18 -29.89 12.46 9.65
C LEU B 18 -29.58 12.03 8.23
N ALA B 19 -30.21 10.96 7.77
CA ALA B 19 -29.95 10.46 6.40
C ALA B 19 -30.30 11.46 5.30
N SER B 20 -29.44 11.53 4.30
CA SER B 20 -29.59 12.47 3.19
C SER B 20 -30.65 11.97 2.24
N GLU B 21 -31.44 12.86 1.67
CA GLU B 21 -32.38 12.45 0.66
C GLU B 21 -32.11 13.25 -0.64
N CYS B 22 -30.84 13.63 -0.85
CA CYS B 22 -30.49 14.41 -2.05
C CYS B 22 -30.08 13.51 -3.18
N ARG B 23 -30.36 13.96 -4.41
CA ARG B 23 -30.21 13.13 -5.62
C ARG B 23 -29.51 13.80 -6.79
N GLU B 24 -29.51 15.13 -6.83
CA GLU B 24 -28.80 15.83 -7.87
C GLU B 24 -27.32 15.56 -7.68
N ARG B 25 -26.66 15.13 -8.74
CA ARG B 25 -25.22 14.92 -8.66
C ARG B 25 -24.44 16.13 -9.18
N LEU B 26 -23.14 16.11 -8.92
CA LEU B 26 -22.28 17.22 -9.24
C LEU B 26 -21.33 16.71 -10.30
N THR B 27 -21.17 17.52 -11.35
CA THR B 27 -20.40 17.11 -12.51
C THR B 27 -18.90 17.30 -12.34
N ARG B 28 -18.20 16.20 -12.06
CA ARG B 28 -16.76 16.24 -11.78
C ARG B 28 -16.01 16.23 -13.10
N PRO B 29 -15.00 17.11 -13.26
CA PRO B 29 -14.34 17.87 -12.23
C PRO B 29 -14.95 19.25 -12.01
N VAL B 30 -15.10 19.62 -10.76
CA VAL B 30 -15.71 20.89 -10.43
C VAL B 30 -14.60 21.90 -10.38
N ARG B 31 -14.93 23.12 -10.77
CA ARG B 31 -13.96 24.18 -10.88
C ARG B 31 -13.93 25.13 -9.69
N TYR B 32 -15.09 25.35 -9.07
CA TYR B 32 -15.23 26.40 -8.05
C TYR B 32 -15.34 25.94 -6.58
N VAL B 33 -14.80 26.75 -5.69
CA VAL B 33 -14.92 26.50 -4.26
C VAL B 33 -15.41 27.78 -3.63
N VAL B 34 -16.67 27.75 -3.17
CA VAL B 34 -17.18 28.90 -2.46
C VAL B 34 -16.93 28.65 -0.97
N VAL B 35 -16.40 29.67 -0.28
CA VAL B 35 -16.14 29.57 1.15
C VAL B 35 -17.10 30.49 1.88
N SER B 36 -17.78 29.94 2.87
CA SER B 36 -18.82 30.64 3.59
C SER B 36 -18.57 30.51 5.08
N HIS B 37 -19.47 31.08 5.87
CA HIS B 37 -19.54 30.75 7.27
C HIS B 37 -20.97 30.45 7.68
N THR B 38 -21.08 29.79 8.80
CA THR B 38 -22.33 29.29 9.31
C THR B 38 -23.13 30.42 9.93
N ALA B 39 -22.42 31.36 10.55
CA ALA B 39 -23.00 32.50 11.27
C ALA B 39 -23.79 32.01 12.48
N GLY B 40 -23.39 30.84 12.97
CA GLY B 40 -23.94 30.28 14.19
C GLY B 40 -22.82 30.26 15.22
N SER B 41 -22.92 29.32 16.15
CA SER B 41 -21.91 29.20 17.18
C SER B 41 -20.67 28.49 16.63
N HIS B 42 -19.54 28.77 17.26
CA HIS B 42 -18.36 27.99 16.96
C HIS B 42 -18.20 26.91 18.03
N CYS B 43 -17.20 26.07 17.82
CA CYS B 43 -16.90 24.91 18.61
C CYS B 43 -15.42 24.63 18.44
N ASP B 44 -14.78 24.14 19.49
CA ASP B 44 -13.33 23.96 19.43
C ASP B 44 -12.87 22.63 20.02
N THR B 45 -13.80 21.71 20.26
CA THR B 45 -13.47 20.33 20.56
C THR B 45 -14.23 19.40 19.60
N PRO B 46 -13.73 18.17 19.37
CA PRO B 46 -14.49 17.30 18.47
C PRO B 46 -15.90 17.02 18.97
N ALA B 47 -16.06 16.95 20.30
CA ALA B 47 -17.36 16.66 20.93
C ALA B 47 -18.35 17.80 20.65
N SER B 48 -17.90 19.04 20.82
CA SER B 48 -18.78 20.20 20.61
C SER B 48 -19.01 20.47 19.12
N CYS B 49 -18.06 20.08 18.27
CA CYS B 49 -18.14 20.35 16.82
C CYS B 49 -19.05 19.40 16.03
N ALA B 50 -19.07 18.13 16.44
CA ALA B 50 -20.06 17.16 15.94
C ALA B 50 -21.48 17.59 16.32
N GLN B 51 -21.65 17.99 17.57
CA GLN B 51 -22.90 18.55 18.05
C GLN B 51 -23.37 19.79 17.23
N GLN B 52 -22.41 20.62 16.81
CA GLN B 52 -22.71 21.80 16.01
C GLN B 52 -23.09 21.45 14.58
N ALA B 53 -22.33 20.56 13.93
CA ALA B 53 -22.68 20.10 12.58
C ALA B 53 -24.10 19.53 12.60
N GLN B 54 -24.40 18.84 13.69
CA GLN B 54 -25.69 18.23 13.91
C GLN B 54 -26.73 19.32 13.97
N ASN B 55 -26.44 20.40 14.69
CA ASN B 55 -27.42 21.49 14.82
C ASN B 55 -27.75 22.15 13.50
N VAL B 56 -26.74 22.42 12.69
CA VAL B 56 -27.02 23.13 11.47
C VAL B 56 -27.74 22.26 10.45
N GLN B 57 -27.41 20.96 10.39
CA GLN B 57 -28.15 20.03 9.49
C GLN B 57 -29.61 19.90 9.90
N SER B 58 -29.85 19.83 11.21
CA SER B 58 -31.20 19.73 11.76
C SER B 58 -32.02 20.96 11.35
N TYR B 59 -31.39 22.12 11.48
CA TYR B 59 -32.02 23.33 11.05
C TYR B 59 -32.36 23.26 9.56
N HIS B 60 -31.42 22.80 8.75
CA HIS B 60 -31.63 22.76 7.32
C HIS B 60 -32.67 21.72 6.90
N VAL B 61 -32.79 20.64 7.66
CA VAL B 61 -33.66 19.54 7.23
C VAL B 61 -35.04 19.71 7.83
N ARG B 62 -35.10 19.79 9.16
CA ARG B 62 -36.35 19.92 9.85
C ARG B 62 -37.08 21.25 9.59
N ASN B 63 -36.34 22.36 9.58
CA ASN B 63 -36.99 23.64 9.43
C ASN B 63 -37.14 24.16 8.02
N LEU B 64 -36.03 24.23 7.30
CA LEU B 64 -36.03 24.71 5.91
C LEU B 64 -36.54 23.64 4.93
N GLY B 65 -36.65 22.41 5.40
CA GLY B 65 -37.13 21.31 4.59
C GLY B 65 -36.25 20.86 3.44
N TRP B 66 -34.92 21.05 3.56
CA TRP B 66 -33.98 20.63 2.52
C TRP B 66 -33.69 19.16 2.64
N CYS B 67 -33.14 18.60 1.57
CA CYS B 67 -32.85 17.17 1.50
C CYS B 67 -31.64 16.75 2.33
N ASP B 68 -30.83 17.71 2.74
CA ASP B 68 -29.64 17.53 3.55
C ASP B 68 -29.08 18.89 3.93
N VAL B 69 -28.15 18.93 4.88
CA VAL B 69 -27.31 20.08 5.20
C VAL B 69 -26.80 20.75 3.91
N GLY B 70 -26.94 22.06 3.84
CA GLY B 70 -26.68 22.76 2.60
C GLY B 70 -25.26 22.64 2.06
N TYR B 71 -24.28 22.38 2.91
CA TYR B 71 -22.88 22.41 2.47
C TYR B 71 -22.32 21.07 2.03
N ASN B 72 -21.34 21.10 1.15
CA ASN B 72 -20.55 19.91 0.86
C ASN B 72 -19.67 19.52 2.03
N PHE B 73 -19.04 20.50 2.70
CA PHE B 73 -18.24 20.21 3.90
C PHE B 73 -18.34 21.30 4.93
N LEU B 74 -18.12 20.94 6.19
CA LEU B 74 -18.08 21.90 7.30
C LEU B 74 -16.75 21.84 8.05
N ILE B 75 -16.19 23.00 8.41
CA ILE B 75 -14.91 23.00 9.10
C ILE B 75 -15.08 23.48 10.52
N GLY B 76 -14.51 22.74 11.46
CA GLY B 76 -14.57 23.12 12.86
C GLY B 76 -13.31 23.84 13.27
N GLU B 77 -13.39 24.62 14.33
CA GLU B 77 -12.21 25.25 14.91
C GLU B 77 -11.44 24.24 15.75
N ASP B 78 -12.04 23.05 15.92
CA ASP B 78 -11.37 21.90 16.45
C ASP B 78 -10.40 21.45 15.40
N GLY B 79 -10.39 22.14 14.27
CA GLY B 79 -9.50 21.84 13.16
C GLY B 79 -9.77 20.52 12.48
N LEU B 80 -11.02 20.08 12.43
CA LEU B 80 -11.43 18.89 11.68
C LEU B 80 -12.37 19.27 10.56
N VAL B 81 -12.53 18.38 9.57
CA VAL B 81 -13.47 18.57 8.46
C VAL B 81 -14.65 17.60 8.58
N TYR B 82 -15.84 18.18 8.67
CA TYR B 82 -17.09 17.42 8.76
C TYR B 82 -17.73 17.22 7.39
N GLU B 83 -17.83 15.97 7.01
CA GLU B 83 -18.49 15.59 5.78
C GLU B 83 -19.94 16.05 5.82
N GLY B 84 -20.30 16.89 4.85
CA GLY B 84 -21.70 17.23 4.64
C GLY B 84 -22.21 16.45 3.46
N ARG B 85 -22.62 17.18 2.41
CA ARG B 85 -23.08 16.59 1.17
C ARG B 85 -21.96 15.87 0.40
N GLY B 86 -20.70 16.30 0.59
CA GLY B 86 -19.54 15.59 0.08
C GLY B 86 -19.16 15.93 -1.35
N TRP B 87 -18.30 15.10 -1.95
CA TRP B 87 -17.71 15.43 -3.25
C TRP B 87 -18.67 15.33 -4.39
N ASN B 88 -19.66 14.46 -4.25
CA ASN B 88 -20.51 14.09 -5.37
C ASN B 88 -21.88 14.74 -5.47
N ILE B 89 -22.43 15.20 -4.35
CA ILE B 89 -23.81 15.67 -4.36
C ILE B 89 -23.86 17.18 -4.37
N LYS B 90 -24.53 17.71 -5.38
CA LYS B 90 -24.71 19.15 -5.51
C LYS B 90 -25.16 19.78 -4.20
N GLY B 91 -24.58 20.92 -3.85
CA GLY B 91 -24.89 21.59 -2.59
C GLY B 91 -26.05 22.56 -2.67
N ALA B 92 -26.21 23.35 -1.62
CA ALA B 92 -27.23 24.38 -1.52
C ALA B 92 -26.66 25.48 -0.61
N HIS B 93 -25.73 26.26 -1.15
CA HIS B 93 -24.94 27.14 -0.30
C HIS B 93 -24.78 28.51 -0.90
N ALA B 94 -24.93 28.58 -2.22
CA ALA B 94 -24.63 29.80 -2.98
C ALA B 94 -25.65 30.12 -4.10
N GLY B 95 -26.87 29.63 -3.96
CA GLY B 95 -27.90 29.88 -4.96
C GLY B 95 -27.72 29.20 -6.33
N PRO B 96 -28.69 29.43 -7.23
CA PRO B 96 -28.90 28.63 -8.45
C PRO B 96 -27.78 28.75 -9.50
N THR B 97 -27.20 29.94 -9.66
CA THR B 97 -26.05 30.15 -10.54
C THR B 97 -24.84 29.28 -10.17
N TRP B 98 -24.65 29.07 -8.86
CA TRP B 98 -23.39 28.56 -8.34
C TRP B 98 -23.43 27.21 -7.69
N ASN B 99 -24.60 26.78 -7.28
CA ASN B 99 -24.72 25.46 -6.66
C ASN B 99 -24.26 24.31 -7.57
N PRO B 100 -24.61 24.33 -8.88
CA PRO B 100 -24.24 23.14 -9.68
C PRO B 100 -22.79 23.12 -10.18
N ILE B 101 -22.01 24.15 -9.87
CA ILE B 101 -20.64 24.27 -10.39
C ILE B 101 -19.59 24.55 -9.28
N SER B 102 -19.89 24.06 -8.08
CA SER B 102 -19.13 24.39 -6.87
C SER B 102 -19.15 23.31 -5.81
N ILE B 103 -18.04 23.18 -5.12
CA ILE B 103 -18.04 22.64 -3.78
C ILE B 103 -18.19 23.87 -2.90
N GLY B 104 -19.08 23.79 -1.91
CA GLY B 104 -19.18 24.84 -0.91
C GLY B 104 -18.75 24.29 0.43
N ILE B 105 -17.81 24.99 1.07
CA ILE B 105 -17.36 24.61 2.39
C ILE B 105 -17.60 25.73 3.37
N SER B 106 -18.08 25.38 4.55
CA SER B 106 -18.45 26.40 5.50
C SER B 106 -17.70 26.26 6.80
N PHE B 107 -17.21 27.38 7.29
CA PHE B 107 -16.61 27.46 8.62
C PHE B 107 -17.70 27.65 9.68
N MET B 108 -17.66 26.83 10.73
CA MET B 108 -18.65 26.87 11.80
C MET B 108 -18.31 27.97 12.79
N GLY B 109 -19.10 29.03 12.74
CA GLY B 109 -18.88 30.19 13.59
C GLY B 109 -19.25 31.43 12.83
N ASN B 110 -19.02 32.58 13.44
CA ASN B 110 -19.28 33.82 12.76
C ASN B 110 -17.97 34.61 12.71
N TYR B 111 -17.49 34.89 11.51
CA TYR B 111 -16.15 35.46 11.37
C TYR B 111 -16.18 36.91 10.91
N MET B 112 -17.16 37.64 11.43
CA MET B 112 -17.22 39.07 11.24
C MET B 112 -16.24 39.70 12.21
N ASN B 113 -16.25 39.28 13.47
CA ASN B 113 -15.32 39.84 14.45
C ASN B 113 -14.26 38.88 15.00
N ARG B 114 -14.27 37.64 14.53
CA ARG B 114 -13.34 36.60 14.98
C ARG B 114 -12.56 36.01 13.82
N VAL B 115 -11.33 35.58 14.07
CA VAL B 115 -10.57 34.84 13.07
C VAL B 115 -10.58 33.30 13.42
N PRO B 116 -10.58 32.41 12.40
CA PRO B 116 -10.46 31.00 12.78
C PRO B 116 -9.02 30.64 13.11
N PRO B 117 -8.80 29.73 14.05
CA PRO B 117 -7.46 29.28 14.38
C PRO B 117 -6.71 28.67 13.17
N PRO B 118 -5.37 28.73 13.18
CA PRO B 118 -4.69 28.22 11.99
C PRO B 118 -5.03 26.76 11.71
N ARG B 119 -5.37 25.98 12.74
CA ARG B 119 -5.79 24.58 12.52
C ARG B 119 -7.03 24.43 11.63
N ALA B 120 -7.94 25.39 11.68
CA ALA B 120 -9.07 25.36 10.79
C ALA B 120 -8.62 25.67 9.35
N LEU B 121 -7.79 26.69 9.19
CA LEU B 121 -7.33 27.10 7.86
C LEU B 121 -6.54 25.97 7.20
N ARG B 122 -5.70 25.31 8.01
CA ARG B 122 -4.98 24.12 7.57
C ARG B 122 -5.93 22.99 7.13
N ALA B 123 -6.89 22.64 7.98
CA ALA B 123 -7.91 21.66 7.65
C ALA B 123 -8.60 21.92 6.31
N ALA B 124 -8.86 23.20 6.03
CA ALA B 124 -9.53 23.61 4.81
C ALA B 124 -8.64 23.44 3.58
N GLN B 125 -7.39 23.86 3.66
CA GLN B 125 -6.49 23.69 2.52
C GLN B 125 -6.22 22.22 2.25
N ASN B 126 -5.99 21.46 3.32
CA ASN B 126 -5.84 20.03 3.23
C ASN B 126 -7.06 19.42 2.51
N LEU B 127 -8.26 19.82 2.90
CA LEU B 127 -9.47 19.30 2.26
C LEU B 127 -9.47 19.54 0.75
N LEU B 128 -8.97 20.72 0.34
CA LEU B 128 -8.86 21.07 -1.08
C LEU B 128 -7.85 20.22 -1.87
N ALA B 129 -6.63 20.09 -1.34
CA ALA B 129 -5.63 19.22 -1.94
C ALA B 129 -6.19 17.82 -2.19
N CYS B 130 -6.87 17.27 -1.17
CA CYS B 130 -7.51 15.96 -1.27
C CYS B 130 -8.63 15.97 -2.30
N GLY B 131 -9.11 17.17 -2.65
CA GLY B 131 -10.10 17.31 -3.70
C GLY B 131 -9.54 17.05 -5.09
N VAL B 132 -8.34 17.56 -5.33
CA VAL B 132 -7.68 17.35 -6.61
C VAL B 132 -7.33 15.87 -6.73
N ALA B 133 -6.50 15.36 -5.83
CA ALA B 133 -6.04 13.97 -5.90
C ALA B 133 -7.17 13.05 -6.27
N LEU B 134 -8.30 13.16 -5.56
CA LEU B 134 -9.51 12.41 -5.81
C LEU B 134 -10.08 12.63 -7.22
N GLY B 135 -9.81 13.79 -7.81
CA GLY B 135 -10.31 14.08 -9.15
C GLY B 135 -11.66 14.76 -9.13
N ALA B 136 -12.08 15.16 -7.93
CA ALA B 136 -13.34 15.87 -7.72
C ALA B 136 -13.18 17.36 -8.03
N LEU B 137 -11.94 17.82 -7.98
CA LEU B 137 -11.60 19.20 -8.31
C LEU B 137 -10.62 19.27 -9.48
N ARG B 138 -10.89 20.20 -10.39
CA ARG B 138 -9.92 20.63 -11.40
C ARG B 138 -8.64 21.08 -10.68
N SER B 139 -7.50 20.53 -11.09
CA SER B 139 -6.18 20.81 -10.45
C SER B 139 -5.94 22.30 -10.29
N ASN B 140 -6.47 23.06 -11.26
CA ASN B 140 -6.40 24.49 -11.25
C ASN B 140 -7.76 25.07 -10.81
N TYR B 141 -8.19 24.73 -9.59
CA TYR B 141 -9.47 25.20 -9.08
C TYR B 141 -9.39 26.66 -8.67
N GLU B 142 -10.56 27.33 -8.75
CA GLU B 142 -10.68 28.73 -8.36
C GLU B 142 -11.60 28.88 -7.16
N VAL B 143 -11.11 29.64 -6.20
CA VAL B 143 -11.76 29.83 -4.92
C VAL B 143 -12.40 31.18 -4.90
N LYS B 144 -13.66 31.22 -4.49
CA LYS B 144 -14.33 32.49 -4.28
C LYS B 144 -14.84 32.52 -2.85
N GLY B 145 -14.99 33.72 -2.32
CA GLY B 145 -15.66 33.93 -1.04
C GLY B 145 -17.15 34.05 -1.31
N HIS B 146 -17.95 33.58 -0.37
CA HIS B 146 -19.41 33.60 -0.49
C HIS B 146 -19.95 34.94 -1.02
N ARG B 147 -19.53 36.04 -0.38
CA ARG B 147 -19.96 37.37 -0.77
C ARG B 147 -19.53 37.81 -2.17
N ASP B 148 -18.59 37.12 -2.81
CA ASP B 148 -18.22 37.48 -4.18
C ASP B 148 -19.21 36.99 -5.22
N VAL B 149 -20.27 36.35 -4.77
CA VAL B 149 -21.08 35.51 -5.63
C VAL B 149 -22.56 35.62 -5.29
N GLN B 150 -22.83 35.95 -4.02
CA GLN B 150 -24.17 36.24 -3.52
C GLN B 150 -24.09 37.43 -2.58
N PRO B 151 -25.19 38.18 -2.42
CA PRO B 151 -25.07 39.39 -1.62
C PRO B 151 -25.25 39.02 -0.16
N THR B 152 -24.17 39.08 0.60
CA THR B 152 -24.19 38.59 1.99
C THR B 152 -22.91 38.96 2.70
N LEU B 153 -22.98 39.02 4.03
CA LEU B 153 -21.78 39.34 4.79
C LEU B 153 -20.88 38.13 5.07
N SER B 154 -21.37 36.93 4.77
CA SER B 154 -20.56 35.71 4.86
C SER B 154 -19.44 35.72 3.81
N PRO B 155 -18.25 35.14 4.11
CA PRO B 155 -17.83 34.33 5.26
C PRO B 155 -17.37 35.14 6.46
N GLY B 156 -17.74 36.42 6.50
CA GLY B 156 -17.33 37.31 7.59
C GLY B 156 -16.06 38.05 7.23
N ASP B 157 -15.99 39.31 7.65
CA ASP B 157 -14.88 40.17 7.27
C ASP B 157 -13.53 39.51 7.56
N ARG B 158 -13.30 39.14 8.83
CA ARG B 158 -12.02 38.58 9.27
C ARG B 158 -11.56 37.37 8.45
N LEU B 159 -12.50 36.48 8.13
CA LEU B 159 -12.18 35.28 7.36
C LEU B 159 -11.96 35.62 5.90
N TYR B 160 -12.80 36.51 5.37
CA TYR B 160 -12.67 37.01 4.01
C TYR B 160 -11.27 37.56 3.69
N GLU B 161 -10.67 38.30 4.62
CA GLU B 161 -9.30 38.79 4.48
C GLU B 161 -8.33 37.68 4.19
N ILE B 162 -8.35 36.64 5.03
CA ILE B 162 -7.49 35.48 4.86
C ILE B 162 -7.68 34.85 3.47
N ILE B 163 -8.92 34.46 3.15
CA ILE B 163 -9.29 33.85 1.88
C ILE B 163 -8.63 34.50 0.67
N GLN B 164 -8.46 35.82 0.75
CA GLN B 164 -7.92 36.59 -0.37
C GLN B 164 -6.43 36.38 -0.58
N THR B 165 -5.76 35.97 0.48
CA THR B 165 -4.33 35.69 0.44
C THR B 165 -4.05 34.29 -0.11
N TRP B 166 -5.09 33.49 -0.34
CA TRP B 166 -4.94 32.13 -0.89
C TRP B 166 -4.59 32.12 -2.36
N SER B 167 -3.69 31.22 -2.74
CA SER B 167 -3.11 31.22 -4.07
C SER B 167 -4.15 30.96 -5.17
N HIS B 168 -5.16 30.17 -4.86
CA HIS B 168 -6.18 29.80 -5.86
C HIS B 168 -7.39 30.74 -5.90
N TYR B 169 -7.30 31.88 -5.21
CA TYR B 169 -8.39 32.84 -5.12
C TYR B 169 -8.44 33.79 -6.31
N ARG B 170 -9.66 34.05 -6.81
CA ARG B 170 -9.89 34.99 -7.93
C ARG B 170 -11.03 35.90 -7.55
N ALA B 171 -10.74 37.20 -7.41
CA ALA B 171 -11.78 38.21 -7.15
C ALA B 171 -13.00 38.02 -8.06
N GLU C 1 31.09 -28.49 20.17
CA GLU C 1 31.20 -27.11 19.59
C GLU C 1 32.26 -27.04 18.49
N ASP C 2 31.84 -27.35 17.25
CA ASP C 2 32.76 -27.40 16.10
C ASP C 2 32.68 -26.16 15.19
N PRO C 3 33.85 -25.49 14.94
CA PRO C 3 33.94 -24.45 13.89
C PRO C 3 34.59 -24.88 12.52
N PRO C 4 33.76 -25.32 11.53
CA PRO C 4 34.27 -25.63 10.18
C PRO C 4 34.23 -24.42 9.23
N ALA C 5 34.90 -24.56 8.07
CA ALA C 5 34.95 -23.48 7.07
C ALA C 5 34.28 -23.80 5.69
N CYS C 6 33.29 -24.73 5.70
CA CYS C 6 32.45 -25.12 4.53
C CYS C 6 31.98 -23.95 3.65
N GLY C 7 31.98 -22.76 4.25
CA GLY C 7 31.88 -21.51 3.52
C GLY C 7 33.02 -21.23 2.52
N SER C 8 32.88 -21.80 1.32
CA SER C 8 33.58 -21.29 0.13
C SER C 8 32.57 -20.36 -0.59
N ILE C 9 32.08 -19.39 0.17
CA ILE C 9 30.98 -18.54 -0.25
C ILE C 9 31.57 -17.18 -0.55
N VAL C 10 31.20 -16.62 -1.69
CA VAL C 10 31.63 -15.28 -2.06
C VAL C 10 30.80 -14.30 -1.25
N PRO C 11 31.44 -13.53 -0.35
CA PRO C 11 30.68 -12.61 0.47
C PRO C 11 30.05 -11.49 -0.34
N ARG C 12 29.01 -10.87 0.19
CA ARG C 12 28.34 -9.79 -0.52
C ARG C 12 29.29 -8.61 -0.80
N ARG C 13 30.13 -8.28 0.18
CA ARG C 13 31.23 -7.36 -0.03
C ARG C 13 32.05 -7.71 -1.27
N GLU C 14 32.38 -8.98 -1.43
CA GLU C 14 33.13 -9.39 -2.60
C GLU C 14 32.41 -9.26 -3.97
N TRP C 15 31.09 -9.35 -4.03
CA TRP C 15 30.42 -9.12 -5.32
C TRP C 15 29.84 -7.72 -5.38
N ARG C 16 30.11 -6.96 -4.31
CA ARG C 16 29.77 -5.55 -4.24
C ARG C 16 28.26 -5.41 -4.22
N ALA C 17 27.62 -6.04 -3.25
CA ALA C 17 26.21 -5.84 -3.03
C ALA C 17 25.94 -4.42 -2.55
N LEU C 18 24.73 -3.94 -2.80
CA LEU C 18 24.18 -2.81 -2.13
C LEU C 18 23.80 -3.23 -0.73
N ALA C 19 23.83 -2.29 0.20
CA ALA C 19 23.52 -2.60 1.60
C ALA C 19 22.10 -3.15 1.67
N SER C 20 21.96 -4.35 2.24
CA SER C 20 20.66 -4.92 2.55
C SER C 20 19.95 -4.12 3.64
N GLU C 21 18.63 -4.18 3.57
CA GLU C 21 17.76 -3.39 4.40
C GLU C 21 16.74 -4.32 5.05
N CYS C 22 16.89 -5.62 4.83
CA CYS C 22 15.98 -6.59 5.46
C CYS C 22 16.33 -6.85 6.92
N ARG C 23 15.33 -7.10 7.75
CA ARG C 23 15.59 -7.30 9.18
C ARG C 23 14.94 -8.55 9.76
N GLU C 24 13.96 -9.12 9.09
CA GLU C 24 13.25 -10.30 9.60
C GLU C 24 14.11 -11.56 9.51
N ARG C 25 13.99 -12.42 10.51
CA ARG C 25 14.96 -13.49 10.69
C ARG C 25 14.39 -14.88 10.55
N LEU C 26 15.24 -15.82 10.19
CA LEU C 26 14.84 -17.20 10.15
C LEU C 26 15.14 -17.84 11.49
N THR C 27 14.41 -18.90 11.79
CA THR C 27 14.71 -19.65 12.98
C THR C 27 15.55 -20.85 12.61
N ARG C 28 16.72 -20.98 13.21
CA ARG C 28 17.47 -22.21 13.06
C ARG C 28 16.90 -23.28 13.95
N PRO C 29 16.95 -24.55 13.50
CA PRO C 29 17.32 -25.03 12.17
C PRO C 29 16.14 -25.03 11.17
N VAL C 30 16.38 -24.45 10.01
CA VAL C 30 15.42 -24.39 8.94
C VAL C 30 15.24 -25.79 8.34
N ARG C 31 14.01 -26.13 7.97
CA ARG C 31 13.66 -27.48 7.54
C ARG C 31 13.58 -27.70 6.02
N TYR C 32 13.40 -26.63 5.25
CA TYR C 32 13.14 -26.71 3.80
C TYR C 32 14.06 -25.91 2.92
N VAL C 33 14.47 -26.50 1.80
CA VAL C 33 15.22 -25.77 0.76
C VAL C 33 14.38 -25.61 -0.51
N VAL C 34 14.24 -24.39 -1.06
CA VAL C 34 13.57 -24.24 -2.34
C VAL C 34 14.52 -23.81 -3.44
N VAL C 35 14.58 -24.61 -4.50
CA VAL C 35 15.51 -24.38 -5.60
C VAL C 35 14.80 -23.65 -6.73
N SER C 36 15.46 -22.61 -7.26
CA SER C 36 14.95 -21.67 -8.28
C SER C 36 15.96 -21.54 -9.39
N HIS C 37 15.52 -21.07 -10.54
CA HIS C 37 16.48 -20.38 -11.41
C HIS C 37 16.13 -18.90 -11.48
N THR C 38 17.04 -18.08 -11.96
CA THR C 38 16.75 -16.66 -12.04
C THR C 38 15.84 -16.48 -13.24
N ALA C 39 16.00 -17.38 -14.20
CA ALA C 39 15.34 -17.39 -15.53
C ALA C 39 16.11 -16.50 -16.47
N GLY C 40 17.07 -15.76 -15.91
CA GLY C 40 17.91 -14.82 -16.66
C GLY C 40 19.10 -15.49 -17.32
N SER C 41 20.12 -14.70 -17.66
CA SER C 41 21.28 -15.23 -18.37
C SER C 41 22.28 -15.81 -17.38
N HIS C 42 23.12 -16.73 -17.86
CA HIS C 42 24.11 -17.37 -17.01
C HIS C 42 25.48 -16.67 -17.02
N CYS C 43 26.42 -17.16 -16.19
CA CYS C 43 27.79 -16.66 -16.10
C CYS C 43 28.72 -17.81 -15.73
N ASP C 44 29.94 -17.79 -16.30
CA ASP C 44 30.91 -18.88 -16.13
C ASP C 44 32.29 -18.39 -15.73
N THR C 45 32.33 -17.27 -15.05
CA THR C 45 33.58 -16.75 -14.52
C THR C 45 33.27 -16.05 -13.20
N PRO C 46 34.24 -16.03 -12.28
CA PRO C 46 33.99 -15.21 -11.08
C PRO C 46 33.67 -13.75 -11.40
N ALA C 47 34.13 -13.26 -12.56
CA ALA C 47 33.99 -11.83 -12.88
C ALA C 47 32.62 -11.54 -13.44
N SER C 48 32.20 -12.39 -14.38
CA SER C 48 30.91 -12.24 -15.02
C SER C 48 29.79 -12.55 -14.04
N CYS C 49 30.01 -13.49 -13.12
CA CYS C 49 29.02 -13.83 -12.09
C CYS C 49 28.84 -12.76 -11.01
N ALA C 50 29.89 -12.04 -10.64
CA ALA C 50 29.68 -10.95 -9.73
C ALA C 50 28.77 -9.89 -10.39
N GLN C 51 28.90 -9.70 -11.71
CA GLN C 51 28.00 -8.84 -12.47
C GLN C 51 26.58 -9.39 -12.41
N GLN C 52 26.44 -10.69 -12.67
CA GLN C 52 25.15 -11.31 -12.66
C GLN C 52 24.48 -11.21 -11.32
N ALA C 53 25.23 -11.37 -10.25
CA ALA C 53 24.65 -11.18 -8.92
C ALA C 53 24.18 -9.74 -8.70
N GLN C 54 25.00 -8.76 -9.10
CA GLN C 54 24.62 -7.35 -8.96
C GLN C 54 23.39 -6.97 -9.80
N ASN C 55 23.34 -7.50 -11.02
CA ASN C 55 22.18 -7.37 -11.87
C ASN C 55 20.91 -7.93 -11.24
N VAL C 56 21.01 -9.12 -10.64
CA VAL C 56 19.83 -9.71 -10.05
C VAL C 56 19.36 -8.89 -8.85
N GLN C 57 20.29 -8.46 -7.98
CA GLN C 57 19.85 -7.74 -6.79
C GLN C 57 19.33 -6.36 -7.17
N SER C 58 19.84 -5.85 -8.29
CA SER C 58 19.52 -4.52 -8.79
C SER C 58 18.08 -4.50 -9.26
N TYR C 59 17.68 -5.60 -9.86
CA TYR C 59 16.32 -5.78 -10.32
C TYR C 59 15.39 -5.84 -9.13
N HIS C 60 15.71 -6.73 -8.18
CA HIS C 60 14.94 -6.93 -6.93
C HIS C 60 14.88 -5.67 -6.11
N VAL C 61 15.99 -4.93 -6.06
CA VAL C 61 16.09 -3.74 -5.19
C VAL C 61 15.52 -2.47 -5.86
N ARG C 62 15.99 -2.16 -7.06
CA ARG C 62 15.62 -0.91 -7.71
C ARG C 62 14.29 -0.92 -8.47
N ASN C 63 14.06 -1.95 -9.30
CA ASN C 63 12.78 -2.10 -9.98
C ASN C 63 11.71 -2.51 -9.00
N LEU C 64 11.91 -3.64 -8.33
CA LEU C 64 10.90 -4.24 -7.51
C LEU C 64 10.78 -3.58 -6.13
N GLY C 65 11.65 -2.63 -5.83
CA GLY C 65 11.65 -1.94 -4.52
C GLY C 65 11.68 -2.83 -3.28
N TRP C 66 12.40 -3.94 -3.35
CA TRP C 66 12.62 -4.87 -2.23
C TRP C 66 13.83 -4.53 -1.35
N CYS C 67 13.86 -5.09 -0.13
CA CYS C 67 14.89 -4.80 0.87
C CYS C 67 16.24 -5.46 0.62
N ASP C 68 16.26 -6.39 -0.33
CA ASP C 68 17.50 -7.01 -0.83
C ASP C 68 17.12 -8.02 -1.90
N VAL C 69 18.14 -8.51 -2.61
CA VAL C 69 17.96 -9.65 -3.49
C VAL C 69 17.12 -10.69 -2.74
N GLY C 70 16.18 -11.28 -3.44
CA GLY C 70 15.23 -12.19 -2.82
C GLY C 70 15.79 -13.47 -2.25
N TYR C 71 16.81 -14.02 -2.92
CA TYR C 71 17.33 -15.33 -2.53
C TYR C 71 18.24 -15.28 -1.31
N ASN C 72 18.34 -16.39 -0.60
CA ASN C 72 19.37 -16.57 0.41
C ASN C 72 20.76 -16.81 -0.16
N PHE C 73 20.82 -17.43 -1.34
CA PHE C 73 22.09 -17.70 -2.01
C PHE C 73 21.85 -17.82 -3.49
N LEU C 74 22.84 -17.44 -4.29
CA LEU C 74 22.88 -17.68 -5.72
C LEU C 74 24.02 -18.63 -6.06
N ILE C 75 23.75 -19.61 -6.91
CA ILE C 75 24.73 -20.56 -7.41
C ILE C 75 25.09 -20.13 -8.83
N GLY C 76 26.39 -20.08 -9.15
CA GLY C 76 26.83 -19.70 -10.49
C GLY C 76 27.38 -20.86 -11.31
N GLU C 77 27.60 -20.63 -12.59
CA GLU C 77 28.10 -21.68 -13.45
C GLU C 77 29.62 -21.71 -13.47
N ASP C 78 30.19 -20.80 -12.69
CA ASP C 78 31.60 -20.71 -12.44
C ASP C 78 31.97 -21.60 -11.23
N GLY C 79 30.97 -22.30 -10.72
CA GLY C 79 31.15 -23.24 -9.60
C GLY C 79 31.16 -22.54 -8.25
N LEU C 80 30.69 -21.29 -8.21
CA LEU C 80 30.74 -20.54 -6.98
C LEU C 80 29.37 -20.21 -6.42
N VAL C 81 29.34 -19.96 -5.11
CA VAL C 81 28.09 -19.68 -4.41
C VAL C 81 28.12 -18.24 -3.93
N TYR C 82 27.07 -17.49 -4.26
CA TYR C 82 27.00 -16.05 -3.92
C TYR C 82 26.06 -15.78 -2.74
N GLU C 83 26.65 -15.27 -1.67
CA GLU C 83 25.90 -14.97 -0.48
C GLU C 83 24.80 -13.98 -0.84
N GLY C 84 23.55 -14.38 -0.62
CA GLY C 84 22.43 -13.50 -0.87
C GLY C 84 22.05 -12.86 0.44
N ARG C 85 20.83 -13.13 0.89
CA ARG C 85 20.40 -12.75 2.21
C ARG C 85 21.02 -13.67 3.27
N GLY C 86 21.79 -14.66 2.80
CA GLY C 86 22.38 -15.67 3.67
C GLY C 86 21.47 -16.45 4.64
N TRP C 87 22.09 -17.10 5.62
CA TRP C 87 21.45 -18.08 6.46
C TRP C 87 20.46 -17.53 7.45
N ASN C 88 20.57 -16.26 7.83
CA ASN C 88 19.77 -15.82 8.99
C ASN C 88 18.60 -14.90 8.67
N ILE C 89 18.50 -14.49 7.42
CA ILE C 89 17.52 -13.50 7.07
C ILE C 89 16.47 -14.09 6.13
N LYS C 90 15.22 -13.99 6.54
CA LYS C 90 14.11 -14.43 5.72
C LYS C 90 14.15 -13.91 4.27
N GLY C 91 14.21 -14.84 3.33
CA GLY C 91 14.18 -14.50 1.91
C GLY C 91 12.82 -14.02 1.43
N ALA C 92 12.78 -13.65 0.15
CA ALA C 92 11.58 -13.27 -0.57
C ALA C 92 11.66 -14.05 -1.87
N HIS C 93 11.34 -15.34 -1.84
CA HIS C 93 11.57 -16.15 -3.01
C HIS C 93 10.45 -17.14 -3.38
N ALA C 94 9.56 -17.48 -2.43
CA ALA C 94 8.48 -18.44 -2.70
C ALA C 94 7.11 -18.07 -2.13
N GLY C 95 6.92 -16.81 -1.73
CA GLY C 95 5.63 -16.39 -1.15
C GLY C 95 5.54 -16.66 0.34
N PRO C 96 4.47 -16.15 1.00
CA PRO C 96 4.36 -16.02 2.46
C PRO C 96 4.19 -17.30 3.28
N THR C 97 3.76 -18.40 2.67
CA THR C 97 3.77 -19.66 3.36
C THR C 97 5.21 -20.17 3.55
N TRP C 98 5.98 -20.16 2.47
CA TRP C 98 7.27 -20.85 2.44
C TRP C 98 8.46 -20.00 2.88
N ASN C 99 8.40 -18.71 2.59
CA ASN C 99 9.45 -17.79 2.98
C ASN C 99 9.84 -17.95 4.45
N PRO C 100 8.87 -17.84 5.39
CA PRO C 100 9.29 -17.99 6.79
C PRO C 100 9.94 -19.35 7.20
N ILE C 101 9.64 -20.43 6.48
CA ILE C 101 10.09 -21.76 6.89
C ILE C 101 11.19 -22.36 6.02
N SER C 102 11.79 -21.55 5.13
CA SER C 102 12.74 -22.09 4.14
C SER C 102 13.94 -21.23 3.75
N ILE C 103 14.91 -21.87 3.09
CA ILE C 103 16.05 -21.21 2.42
C ILE C 103 15.83 -21.24 0.92
N GLY C 104 16.11 -20.15 0.23
CA GLY C 104 15.90 -20.10 -1.19
C GLY C 104 17.22 -19.97 -1.87
N ILE C 105 17.66 -21.05 -2.51
CA ILE C 105 18.90 -21.03 -3.28
C ILE C 105 18.46 -21.02 -4.71
N SER C 106 19.14 -20.25 -5.55
CA SER C 106 18.69 -20.11 -6.91
C SER C 106 19.88 -20.17 -7.83
N PHE C 107 19.70 -20.81 -8.98
CA PHE C 107 20.76 -20.93 -9.96
C PHE C 107 20.67 -19.78 -10.96
N MET C 108 21.79 -19.12 -11.20
CA MET C 108 21.82 -18.01 -12.13
C MET C 108 21.91 -18.47 -13.58
N GLY C 109 20.77 -18.40 -14.27
CA GLY C 109 20.60 -18.84 -15.67
C GLY C 109 19.17 -19.32 -15.94
N ASN C 110 18.91 -19.78 -17.18
CA ASN C 110 17.62 -20.34 -17.56
C ASN C 110 17.74 -21.81 -17.90
N TYR C 111 17.25 -22.68 -17.01
CA TYR C 111 17.45 -24.13 -17.17
C TYR C 111 16.21 -24.84 -17.71
N MET C 112 15.54 -24.14 -18.59
CA MET C 112 14.39 -24.66 -19.29
C MET C 112 14.95 -25.56 -20.39
N ASN C 113 16.05 -25.13 -21.00
CA ASN C 113 16.69 -25.94 -22.05
C ASN C 113 18.14 -26.38 -21.89
N ARG C 114 18.87 -25.77 -20.95
CA ARG C 114 20.22 -26.19 -20.57
C ARG C 114 20.13 -27.02 -19.31
N VAL C 115 21.21 -27.74 -19.06
CA VAL C 115 21.45 -28.45 -17.82
C VAL C 115 22.64 -27.70 -17.20
N PRO C 116 22.67 -27.51 -15.88
CA PRO C 116 23.82 -26.73 -15.38
C PRO C 116 25.09 -27.59 -15.29
N PRO C 117 26.27 -26.96 -15.34
CA PRO C 117 27.48 -27.79 -15.36
C PRO C 117 27.67 -28.47 -14.03
N PRO C 118 28.30 -29.65 -14.03
CA PRO C 118 28.57 -30.42 -12.82
C PRO C 118 29.06 -29.60 -11.61
N ARG C 119 29.76 -28.51 -11.87
CA ARG C 119 30.35 -27.77 -10.78
C ARG C 119 29.36 -26.83 -10.10
N ALA C 120 28.25 -26.56 -10.76
CA ALA C 120 27.20 -25.74 -10.17
C ALA C 120 26.44 -26.66 -9.25
N LEU C 121 26.16 -27.85 -9.75
CA LEU C 121 25.51 -28.86 -8.99
C LEU C 121 26.31 -29.15 -7.73
N ARG C 122 27.62 -29.29 -7.87
CA ARG C 122 28.50 -29.61 -6.76
C ARG C 122 28.48 -28.49 -5.70
N ALA C 123 28.64 -27.24 -6.16
CA ALA C 123 28.51 -26.09 -5.30
C ALA C 123 27.24 -26.21 -4.47
N ALA C 124 26.10 -26.38 -5.15
CA ALA C 124 24.81 -26.42 -4.48
C ALA C 124 24.77 -27.53 -3.43
N GLN C 125 25.16 -28.75 -3.81
CA GLN C 125 25.20 -29.88 -2.90
C GLN C 125 26.04 -29.51 -1.68
N ASN C 126 27.21 -28.95 -1.95
CA ASN C 126 28.13 -28.61 -0.91
C ASN C 126 27.57 -27.56 0.05
N LEU C 127 26.83 -26.60 -0.49
CA LEU C 127 26.23 -25.53 0.29
C LEU C 127 25.30 -26.13 1.32
N LEU C 128 24.43 -26.99 0.85
CA LEU C 128 23.57 -27.74 1.74
C LEU C 128 24.34 -28.50 2.84
N ALA C 129 25.42 -29.18 2.49
CA ALA C 129 26.24 -29.90 3.48
C ALA C 129 26.73 -28.94 4.56
N CYS C 130 27.30 -27.81 4.12
CA CYS C 130 27.57 -26.67 4.99
C CYS C 130 26.43 -26.26 5.97
N GLY C 131 25.28 -25.86 5.42
CA GLY C 131 24.09 -25.52 6.23
C GLY C 131 23.83 -26.47 7.39
N VAL C 132 23.91 -27.76 7.11
CA VAL C 132 23.74 -28.79 8.12
C VAL C 132 24.82 -28.74 9.19
N ALA C 133 26.09 -28.66 8.79
CA ALA C 133 27.20 -28.62 9.74
C ALA C 133 27.07 -27.39 10.63
N LEU C 134 26.54 -26.31 10.06
CA LEU C 134 26.41 -25.06 10.77
C LEU C 134 25.25 -25.02 11.77
N GLY C 135 24.28 -25.91 11.60
CA GLY C 135 23.05 -25.91 12.38
C GLY C 135 21.97 -25.13 11.67
N ALA C 136 22.32 -24.53 10.54
CA ALA C 136 21.40 -23.67 9.84
C ALA C 136 20.23 -24.48 9.31
N LEU C 137 20.51 -25.66 8.75
CA LEU C 137 19.48 -26.60 8.26
C LEU C 137 19.35 -27.83 9.17
N ARG C 138 18.15 -28.41 9.23
CA ARG C 138 17.96 -29.71 9.84
C ARG C 138 18.76 -30.69 9.00
N SER C 139 19.33 -31.72 9.62
CA SER C 139 20.11 -32.71 8.87
C SER C 139 19.23 -33.46 7.88
N ASN C 140 17.92 -33.53 8.22
CA ASN C 140 16.90 -34.21 7.41
C ASN C 140 16.00 -33.22 6.62
N TYR C 141 16.55 -32.06 6.28
CA TYR C 141 15.84 -31.08 5.48
C TYR C 141 15.32 -31.67 4.16
N GLU C 142 14.15 -31.18 3.74
CA GLU C 142 13.50 -31.53 2.48
C GLU C 142 13.77 -30.50 1.38
N VAL C 143 13.87 -30.94 0.12
CA VAL C 143 14.10 -30.01 -0.99
C VAL C 143 12.91 -29.98 -1.92
N LYS C 144 12.37 -28.79 -2.18
CA LYS C 144 11.29 -28.66 -3.14
C LYS C 144 11.80 -27.82 -4.29
N GLY C 145 11.20 -28.01 -5.46
CA GLY C 145 11.40 -27.11 -6.58
C GLY C 145 10.46 -25.92 -6.46
N HIS C 146 10.81 -24.87 -7.17
CA HIS C 146 10.06 -23.64 -7.09
C HIS C 146 8.65 -23.80 -7.64
N ARG C 147 8.51 -24.54 -8.74
CA ARG C 147 7.21 -24.83 -9.33
C ARG C 147 6.33 -25.73 -8.43
N ASP C 148 6.96 -26.35 -7.42
CA ASP C 148 6.25 -27.24 -6.48
C ASP C 148 5.47 -26.48 -5.39
N VAL C 149 5.77 -25.20 -5.17
CA VAL C 149 5.17 -24.44 -4.07
C VAL C 149 4.56 -23.15 -4.57
N GLN C 150 4.77 -22.86 -5.86
CA GLN C 150 4.40 -21.60 -6.47
C GLN C 150 4.22 -21.83 -7.95
N PRO C 151 3.35 -21.06 -8.63
CA PRO C 151 3.13 -21.28 -10.05
C PRO C 151 4.14 -20.60 -10.97
N THR C 152 5.19 -21.34 -11.32
CA THR C 152 6.25 -20.87 -12.21
C THR C 152 6.84 -22.04 -12.94
N LEU C 153 7.58 -21.74 -14.01
CA LEU C 153 8.40 -22.74 -14.69
C LEU C 153 9.69 -23.06 -13.94
N SER C 154 10.16 -22.08 -13.16
CA SER C 154 11.36 -22.20 -12.35
C SER C 154 11.26 -23.44 -11.45
N PRO C 155 12.35 -24.20 -11.25
CA PRO C 155 13.76 -23.95 -11.61
C PRO C 155 14.18 -24.23 -13.07
N GLY C 156 13.22 -24.50 -13.96
CA GLY C 156 13.52 -25.01 -15.29
C GLY C 156 13.35 -26.51 -15.35
N ASP C 157 13.06 -27.04 -16.54
CA ASP C 157 12.76 -28.47 -16.70
C ASP C 157 13.96 -29.38 -16.43
N ARG C 158 15.12 -29.06 -17.02
CA ARG C 158 16.26 -29.97 -16.92
C ARG C 158 16.77 -30.00 -15.49
N LEU C 159 16.73 -28.85 -14.83
CA LEU C 159 17.17 -28.74 -13.44
C LEU C 159 16.15 -29.37 -12.52
N TYR C 160 14.88 -29.16 -12.84
CA TYR C 160 13.78 -29.75 -12.08
C TYR C 160 13.95 -31.27 -12.06
N GLU C 161 14.29 -31.80 -13.24
CA GLU C 161 14.58 -33.20 -13.45
C GLU C 161 15.69 -33.67 -12.53
N ILE C 162 16.79 -32.92 -12.54
CA ILE C 162 17.92 -33.25 -11.72
C ILE C 162 17.56 -33.23 -10.23
N ILE C 163 16.87 -32.19 -9.78
CA ILE C 163 16.62 -32.09 -8.34
C ILE C 163 15.61 -33.10 -7.83
N GLN C 164 14.81 -33.67 -8.73
CA GLN C 164 13.79 -34.68 -8.37
C GLN C 164 14.49 -35.93 -7.90
N THR C 165 15.72 -36.04 -8.36
CA THR C 165 16.63 -37.14 -8.16
C THR C 165 17.29 -37.14 -6.81
N TRP C 166 17.49 -35.92 -6.26
CA TRP C 166 18.27 -35.71 -5.06
C TRP C 166 17.76 -36.46 -3.86
N SER C 167 18.71 -36.82 -3.00
CA SER C 167 18.45 -37.55 -1.79
C SER C 167 17.35 -36.93 -0.95
N HIS C 168 17.46 -35.63 -0.68
CA HIS C 168 16.57 -34.92 0.23
C HIS C 168 15.34 -34.30 -0.42
N TYR C 169 15.18 -34.50 -1.73
CA TYR C 169 14.03 -33.97 -2.48
C TYR C 169 12.77 -34.63 -1.96
N ARG C 170 11.66 -33.90 -1.94
CA ARG C 170 10.41 -34.51 -1.49
C ARG C 170 9.17 -33.95 -2.12
N ALA C 171 8.50 -34.84 -2.86
CA ALA C 171 7.10 -34.72 -3.33
C ALA C 171 6.69 -33.33 -3.81
N GLU D 1 -29.25 4.39 -19.36
CA GLU D 1 -28.20 4.12 -18.38
C GLU D 1 -28.73 3.10 -17.38
N ASP D 2 -28.63 1.87 -17.99
CA ASP D 2 -29.14 0.70 -17.26
C ASP D 2 -28.09 -0.41 -17.07
N PRO D 3 -28.37 -1.27 -16.11
CA PRO D 3 -27.50 -2.37 -15.63
C PRO D 3 -26.42 -2.99 -16.52
N PRO D 4 -26.56 -4.28 -16.82
CA PRO D 4 -25.44 -5.10 -17.32
C PRO D 4 -25.00 -4.74 -18.75
N ALA D 5 -24.14 -3.72 -18.86
CA ALA D 5 -23.76 -3.18 -20.16
C ALA D 5 -22.34 -3.52 -20.60
N CYS D 6 -21.83 -4.73 -20.22
CA CYS D 6 -20.44 -5.12 -20.53
C CYS D 6 -20.09 -6.63 -20.55
N GLY D 7 -18.96 -6.95 -21.17
CA GLY D 7 -18.29 -8.21 -20.95
C GLY D 7 -18.91 -9.54 -21.24
N SER D 8 -18.36 -10.28 -22.22
CA SER D 8 -18.78 -11.63 -22.55
C SER D 8 -17.79 -12.61 -21.92
N ILE D 9 -18.22 -13.32 -20.92
CA ILE D 9 -17.35 -14.11 -20.10
C ILE D 9 -17.87 -15.49 -19.94
N VAL D 10 -16.99 -16.47 -19.99
CA VAL D 10 -17.34 -17.88 -19.87
C VAL D 10 -17.37 -18.14 -18.38
N PRO D 11 -18.54 -18.53 -17.83
CA PRO D 11 -18.55 -18.73 -16.38
C PRO D 11 -17.90 -20.05 -15.96
N ARG D 12 -17.78 -20.26 -14.65
CA ARG D 12 -17.06 -21.41 -14.11
C ARG D 12 -17.78 -22.71 -14.39
N ARG D 13 -19.05 -22.80 -14.00
CA ARG D 13 -19.91 -23.92 -14.37
C ARG D 13 -19.59 -24.35 -15.80
N GLU D 14 -19.47 -23.37 -16.67
CA GLU D 14 -19.29 -23.60 -18.07
C GLU D 14 -17.97 -24.26 -18.44
N TRP D 15 -16.86 -23.93 -17.77
CA TRP D 15 -15.60 -24.61 -18.10
C TRP D 15 -15.31 -25.73 -17.11
N ARG D 16 -16.27 -25.94 -16.21
CA ARG D 16 -16.28 -27.04 -15.24
C ARG D 16 -15.24 -26.87 -14.15
N ALA D 17 -14.94 -25.64 -13.78
CA ALA D 17 -14.14 -25.37 -12.59
C ALA D 17 -14.56 -26.27 -11.45
N LEU D 18 -13.58 -26.68 -10.65
CA LEU D 18 -13.83 -27.24 -9.34
C LEU D 18 -14.37 -26.10 -8.50
N ALA D 19 -15.09 -26.42 -7.42
CA ALA D 19 -15.66 -25.37 -6.55
C ALA D 19 -14.56 -24.49 -5.95
N SER D 20 -14.72 -23.17 -6.05
CA SER D 20 -13.84 -22.22 -5.38
C SER D 20 -13.99 -22.44 -3.89
N GLU D 21 -12.91 -22.30 -3.15
CA GLU D 21 -13.00 -22.43 -1.70
C GLU D 21 -12.50 -21.18 -1.03
N CYS D 22 -12.35 -20.11 -1.82
CA CYS D 22 -11.75 -18.89 -1.33
C CYS D 22 -12.79 -18.00 -0.65
N ARG D 23 -12.41 -17.43 0.48
CA ARG D 23 -13.34 -16.66 1.24
C ARG D 23 -12.99 -15.19 1.19
N GLU D 24 -11.69 -14.89 1.20
CA GLU D 24 -11.20 -13.51 1.24
C GLU D 24 -11.67 -12.63 0.06
N ARG D 25 -12.11 -11.42 0.36
CA ARG D 25 -12.74 -10.54 -0.61
C ARG D 25 -11.92 -9.31 -0.97
N LEU D 26 -12.11 -8.79 -2.18
CA LEU D 26 -11.50 -7.55 -2.58
C LEU D 26 -12.43 -6.41 -2.27
N THR D 27 -11.83 -5.26 -1.99
CA THR D 27 -12.60 -4.07 -1.71
C THR D 27 -12.70 -3.23 -2.97
N ARG D 28 -13.89 -3.09 -3.48
CA ARG D 28 -14.03 -2.34 -4.69
C ARG D 28 -14.40 -0.90 -4.40
N PRO D 29 -14.06 0.03 -5.30
CA PRO D 29 -13.45 -0.28 -6.60
C PRO D 29 -11.95 -0.56 -6.49
N VAL D 30 -11.46 -1.43 -7.37
CA VAL D 30 -10.05 -1.88 -7.39
C VAL D 30 -9.17 -0.92 -8.25
N ARG D 31 -7.99 -0.55 -7.71
CA ARG D 31 -7.09 0.39 -8.37
C ARG D 31 -6.22 -0.25 -9.44
N TYR D 32 -5.64 -1.42 -9.14
CA TYR D 32 -4.59 -1.98 -9.97
C TYR D 32 -4.96 -3.24 -10.72
N VAL D 33 -4.41 -3.40 -11.92
CA VAL D 33 -4.58 -4.62 -12.67
C VAL D 33 -3.21 -5.13 -13.00
N VAL D 34 -2.95 -6.40 -12.69
CA VAL D 34 -1.67 -7.02 -13.04
C VAL D 34 -1.84 -8.02 -14.17
N VAL D 35 -1.10 -7.82 -15.26
CA VAL D 35 -1.22 -8.68 -16.43
C VAL D 35 -0.18 -9.78 -16.34
N SER D 36 -0.62 -10.96 -16.68
CA SER D 36 0.11 -12.18 -16.47
C SER D 36 0.20 -12.94 -17.79
N HIS D 37 1.04 -13.97 -17.82
CA HIS D 37 0.78 -15.10 -18.72
C HIS D 37 0.94 -16.39 -17.93
N THR D 38 0.23 -17.46 -18.31
CA THR D 38 0.33 -18.79 -17.70
C THR D 38 1.64 -19.50 -17.89
N ALA D 39 2.39 -19.09 -18.92
CA ALA D 39 3.69 -19.67 -19.30
C ALA D 39 3.60 -21.07 -19.91
N GLY D 40 2.40 -21.63 -19.89
CA GLY D 40 2.06 -22.91 -20.41
C GLY D 40 1.63 -22.78 -21.83
N SER D 41 0.84 -23.73 -22.27
CA SER D 41 0.46 -23.75 -23.70
C SER D 41 -0.73 -22.82 -24.00
N HIS D 42 -0.89 -22.44 -25.26
CA HIS D 42 -2.07 -21.73 -25.68
C HIS D 42 -3.18 -22.65 -26.25
N CYS D 43 -4.22 -22.03 -26.81
CA CYS D 43 -5.47 -22.70 -27.20
C CYS D 43 -6.23 -21.68 -28.00
N ASP D 44 -6.80 -22.13 -29.12
CA ASP D 44 -7.45 -21.22 -30.07
C ASP D 44 -8.87 -21.64 -30.47
N THR D 45 -9.54 -22.40 -29.60
CA THR D 45 -10.91 -22.77 -29.78
C THR D 45 -11.54 -22.77 -28.42
N PRO D 46 -12.86 -22.56 -28.35
CA PRO D 46 -13.58 -22.65 -27.09
C PRO D 46 -13.40 -24.00 -26.41
N ALA D 47 -13.00 -24.99 -27.21
CA ALA D 47 -12.94 -26.40 -26.76
C ALA D 47 -11.64 -26.68 -26.00
N SER D 48 -10.54 -26.35 -26.65
CA SER D 48 -9.25 -26.40 -26.03
C SER D 48 -9.07 -25.37 -24.92
N CYS D 49 -9.61 -24.14 -25.06
CA CYS D 49 -9.45 -23.16 -23.98
C CYS D 49 -10.24 -23.52 -22.72
N ALA D 50 -11.45 -24.05 -22.89
CA ALA D 50 -12.20 -24.52 -21.72
C ALA D 50 -11.43 -25.65 -21.05
N GLN D 51 -10.62 -26.33 -21.88
CA GLN D 51 -9.74 -27.44 -21.45
C GLN D 51 -8.50 -26.93 -20.69
N GLN D 52 -7.81 -25.95 -21.27
CA GLN D 52 -6.70 -25.28 -20.62
C GLN D 52 -7.02 -24.71 -19.25
N ALA D 53 -8.13 -23.97 -19.15
CA ALA D 53 -8.47 -23.35 -17.89
C ALA D 53 -8.54 -24.36 -16.74
N GLN D 54 -9.00 -25.59 -17.03
CA GLN D 54 -9.06 -26.65 -16.01
C GLN D 54 -7.64 -27.12 -15.61
N ASN D 55 -6.76 -27.32 -16.59
CA ASN D 55 -5.38 -27.65 -16.31
C ASN D 55 -4.82 -26.67 -15.28
N VAL D 56 -4.76 -25.41 -15.68
CA VAL D 56 -4.31 -24.36 -14.81
C VAL D 56 -4.96 -24.48 -13.43
N GLN D 57 -6.29 -24.61 -13.39
CA GLN D 57 -6.95 -24.70 -12.09
C GLN D 57 -6.40 -25.89 -11.35
N SER D 58 -6.40 -27.02 -12.05
CA SER D 58 -5.94 -28.30 -11.52
C SER D 58 -4.61 -28.12 -10.83
N TYR D 59 -3.65 -27.52 -11.54
CA TYR D 59 -2.33 -27.24 -11.01
C TYR D 59 -2.33 -26.38 -9.71
N HIS D 60 -3.03 -25.26 -9.71
CA HIS D 60 -3.08 -24.36 -8.55
C HIS D 60 -3.81 -24.93 -7.35
N VAL D 61 -4.76 -25.83 -7.60
CA VAL D 61 -5.57 -26.42 -6.54
C VAL D 61 -5.04 -27.77 -6.04
N ARG D 62 -4.76 -28.68 -6.98
CA ARG D 62 -4.26 -30.02 -6.68
C ARG D 62 -2.81 -30.03 -6.28
N ASN D 63 -1.93 -29.48 -7.11
CA ASN D 63 -0.52 -29.52 -6.80
C ASN D 63 -0.14 -28.53 -5.74
N LEU D 64 -0.80 -27.38 -5.71
CA LEU D 64 -0.34 -26.32 -4.82
C LEU D 64 -1.21 -26.21 -3.61
N GLY D 65 -2.38 -26.83 -3.69
CA GLY D 65 -3.30 -26.84 -2.57
C GLY D 65 -3.88 -25.47 -2.30
N TRP D 66 -4.12 -24.71 -3.36
CA TRP D 66 -4.78 -23.42 -3.23
C TRP D 66 -6.30 -23.60 -3.27
N CYS D 67 -7.01 -22.58 -2.80
CA CYS D 67 -8.46 -22.61 -2.69
C CYS D 67 -9.18 -22.48 -4.06
N ASP D 68 -8.47 -21.93 -5.03
CA ASP D 68 -8.97 -21.85 -6.40
C ASP D 68 -7.85 -21.43 -7.34
N VAL D 69 -8.08 -21.47 -8.64
CA VAL D 69 -7.07 -21.00 -9.62
C VAL D 69 -6.64 -19.60 -9.22
N GLY D 70 -5.36 -19.31 -9.42
CA GLY D 70 -4.77 -18.12 -8.85
C GLY D 70 -5.27 -16.79 -9.39
N TYR D 71 -5.76 -16.77 -10.63
CA TYR D 71 -6.14 -15.55 -11.31
C TYR D 71 -7.63 -15.23 -11.20
N ASN D 72 -7.95 -13.95 -11.35
CA ASN D 72 -9.31 -13.50 -11.31
C ASN D 72 -9.99 -13.81 -12.63
N PHE D 73 -9.23 -13.75 -13.72
CA PHE D 73 -9.76 -13.98 -15.06
C PHE D 73 -8.66 -14.50 -15.96
N LEU D 74 -8.99 -15.44 -16.83
CA LEU D 74 -8.08 -16.01 -17.79
C LEU D 74 -8.51 -15.54 -19.18
N ILE D 75 -7.58 -15.16 -20.04
CA ILE D 75 -7.89 -14.85 -21.45
C ILE D 75 -7.39 -15.98 -22.35
N GLY D 76 -8.19 -16.38 -23.33
CA GLY D 76 -7.80 -17.43 -24.26
C GLY D 76 -7.58 -16.82 -25.62
N GLU D 77 -6.73 -17.43 -26.41
CA GLU D 77 -6.58 -16.99 -27.79
C GLU D 77 -7.79 -17.39 -28.65
N ASP D 78 -8.73 -18.15 -28.08
CA ASP D 78 -10.06 -18.32 -28.69
C ASP D 78 -10.80 -17.00 -28.77
N GLY D 79 -10.38 -16.02 -27.97
CA GLY D 79 -10.97 -14.68 -27.96
C GLY D 79 -12.04 -14.52 -26.87
N LEU D 80 -12.05 -15.47 -25.93
CA LEU D 80 -12.98 -15.45 -24.79
C LEU D 80 -12.31 -15.24 -23.42
N VAL D 81 -13.10 -14.89 -22.40
CA VAL D 81 -12.56 -14.66 -21.07
C VAL D 81 -13.11 -15.71 -20.14
N TYR D 82 -12.22 -16.50 -19.57
CA TYR D 82 -12.60 -17.49 -18.56
C TYR D 82 -12.58 -16.87 -17.20
N GLU D 83 -13.69 -17.04 -16.49
CA GLU D 83 -13.87 -16.50 -15.18
C GLU D 83 -12.99 -17.28 -14.21
N GLY D 84 -12.08 -16.59 -13.54
CA GLY D 84 -11.28 -17.20 -12.48
C GLY D 84 -12.01 -16.90 -11.19
N ARG D 85 -11.28 -16.32 -10.23
CA ARG D 85 -11.83 -15.91 -8.95
C ARG D 85 -12.80 -14.74 -9.10
N GLY D 86 -12.69 -14.02 -10.22
CA GLY D 86 -13.67 -12.98 -10.57
C GLY D 86 -13.42 -11.65 -9.94
N TRP D 87 -14.42 -10.78 -9.99
CA TRP D 87 -14.29 -9.39 -9.55
C TRP D 87 -14.19 -9.14 -8.05
N ASN D 88 -14.57 -10.11 -7.23
CA ASN D 88 -14.79 -9.86 -5.82
C ASN D 88 -13.87 -10.59 -4.84
N ILE D 89 -13.23 -11.63 -5.33
CA ILE D 89 -12.39 -12.51 -4.51
C ILE D 89 -10.91 -12.15 -4.66
N LYS D 90 -10.23 -11.90 -3.55
CA LYS D 90 -8.78 -11.71 -3.59
C LYS D 90 -8.10 -12.88 -4.32
N GLY D 91 -7.22 -12.56 -5.26
CA GLY D 91 -6.52 -13.59 -6.04
C GLY D 91 -5.14 -13.92 -5.52
N ALA D 92 -4.51 -14.93 -6.10
CA ALA D 92 -3.12 -15.30 -5.75
C ALA D 92 -2.27 -15.27 -7.01
N HIS D 93 -1.67 -14.12 -7.31
CA HIS D 93 -1.02 -13.94 -8.61
C HIS D 93 0.19 -13.01 -8.59
N ALA D 94 0.34 -12.25 -7.51
CA ALA D 94 1.35 -11.17 -7.43
C ALA D 94 1.97 -10.97 -6.04
N GLY D 95 1.95 -12.01 -5.20
CA GLY D 95 2.48 -11.92 -3.87
C GLY D 95 1.63 -11.07 -2.94
N PRO D 96 1.98 -11.04 -1.62
CA PRO D 96 1.14 -10.48 -0.55
C PRO D 96 0.89 -8.98 -0.58
N THR D 97 1.63 -8.27 -1.41
CA THR D 97 1.48 -6.82 -1.45
C THR D 97 0.49 -6.40 -2.51
N TRP D 98 0.48 -7.09 -3.64
CA TRP D 98 -0.36 -6.68 -4.74
C TRP D 98 -1.67 -7.43 -4.78
N ASN D 99 -1.68 -8.64 -4.22
CA ASN D 99 -2.87 -9.45 -4.29
C ASN D 99 -4.12 -8.81 -3.72
N PRO D 100 -4.03 -8.14 -2.54
CA PRO D 100 -5.25 -7.57 -1.93
C PRO D 100 -5.70 -6.24 -2.50
N ILE D 101 -4.97 -5.71 -3.48
CA ILE D 101 -5.31 -4.41 -4.06
C ILE D 101 -5.34 -4.42 -5.61
N SER D 102 -5.44 -5.60 -6.20
CA SER D 102 -5.43 -5.72 -7.66
C SER D 102 -6.26 -6.88 -8.22
N ILE D 103 -6.37 -6.88 -9.55
CA ILE D 103 -7.08 -7.88 -10.33
C ILE D 103 -6.02 -8.50 -11.23
N GLY D 104 -5.93 -9.81 -11.21
CA GLY D 104 -4.92 -10.52 -11.96
C GLY D 104 -5.58 -11.16 -13.14
N ILE D 105 -5.21 -10.70 -14.32
CA ILE D 105 -5.69 -11.27 -15.59
C ILE D 105 -4.52 -11.97 -16.30
N SER D 106 -4.72 -13.24 -16.62
CA SER D 106 -3.67 -14.10 -17.14
C SER D 106 -4.04 -14.51 -18.56
N PHE D 107 -3.16 -14.24 -19.51
CA PHE D 107 -3.32 -14.71 -20.86
C PHE D 107 -2.75 -16.10 -20.94
N MET D 108 -3.56 -17.09 -21.33
CA MET D 108 -3.11 -18.48 -21.40
C MET D 108 -2.12 -18.76 -22.55
N GLY D 109 -0.88 -19.09 -22.20
CA GLY D 109 0.13 -19.40 -23.20
C GLY D 109 1.45 -18.83 -22.74
N ASN D 110 2.45 -18.83 -23.64
CA ASN D 110 3.77 -18.31 -23.32
C ASN D 110 4.11 -17.32 -24.37
N TYR D 111 4.30 -16.07 -23.98
CA TYR D 111 4.41 -14.98 -24.93
C TYR D 111 5.76 -14.36 -24.84
N MET D 112 6.77 -15.19 -24.60
CA MET D 112 8.15 -14.71 -24.63
C MET D 112 8.51 -14.29 -26.04
N ASN D 113 8.28 -15.19 -26.99
CA ASN D 113 8.62 -14.95 -28.39
C ASN D 113 7.47 -15.28 -29.39
N ARG D 114 6.22 -15.06 -28.95
CA ARG D 114 5.03 -14.97 -29.83
C ARG D 114 4.05 -13.91 -29.31
N VAL D 115 3.14 -13.47 -30.16
CA VAL D 115 2.12 -12.47 -29.77
C VAL D 115 0.74 -13.12 -29.59
N PRO D 116 -0.09 -12.56 -28.68
CA PRO D 116 -1.49 -12.98 -28.69
C PRO D 116 -2.19 -12.39 -29.93
N PRO D 117 -3.15 -13.14 -30.51
CA PRO D 117 -3.91 -12.69 -31.67
C PRO D 117 -4.85 -11.53 -31.28
N PRO D 118 -5.04 -10.56 -32.20
CA PRO D 118 -5.83 -9.36 -31.91
C PRO D 118 -7.10 -9.65 -31.10
N ARG D 119 -7.71 -10.77 -31.34
CA ARG D 119 -8.89 -11.14 -30.63
C ARG D 119 -8.64 -11.31 -29.15
N ALA D 120 -7.47 -11.82 -28.74
CA ALA D 120 -7.16 -11.99 -27.32
C ALA D 120 -6.98 -10.65 -26.63
N LEU D 121 -6.37 -9.71 -27.35
CA LEU D 121 -6.03 -8.41 -26.81
C LEU D 121 -7.29 -7.62 -26.65
N ARG D 122 -8.31 -7.99 -27.41
CA ARG D 122 -9.55 -7.24 -27.39
C ARG D 122 -10.38 -7.75 -26.24
N ALA D 123 -10.36 -9.05 -26.05
CA ALA D 123 -11.06 -9.68 -24.95
C ALA D 123 -10.70 -8.99 -23.66
N ALA D 124 -9.40 -8.70 -23.51
CA ALA D 124 -8.86 -8.25 -22.25
C ALA D 124 -9.13 -6.76 -22.04
N GLN D 125 -9.08 -6.00 -23.13
CA GLN D 125 -9.33 -4.57 -23.05
C GLN D 125 -10.81 -4.33 -22.75
N ASN D 126 -11.63 -5.15 -23.40
CA ASN D 126 -13.05 -5.11 -23.24
C ASN D 126 -13.44 -5.49 -21.84
N LEU D 127 -12.79 -6.53 -21.31
CA LEU D 127 -12.95 -6.94 -19.91
C LEU D 127 -12.69 -5.77 -18.97
N LEU D 128 -11.65 -5.01 -19.29
CA LEU D 128 -11.27 -3.88 -18.48
C LEU D 128 -12.31 -2.78 -18.52
N ALA D 129 -12.84 -2.50 -19.71
CA ALA D 129 -13.94 -1.54 -19.85
C ALA D 129 -15.11 -2.01 -19.01
N CYS D 130 -15.43 -3.29 -19.14
CA CYS D 130 -16.51 -3.88 -18.39
C CYS D 130 -16.33 -3.67 -16.86
N GLY D 131 -15.11 -3.88 -16.37
CA GLY D 131 -14.78 -3.74 -14.95
C GLY D 131 -15.00 -2.32 -14.44
N VAL D 132 -14.74 -1.35 -15.31
CA VAL D 132 -15.05 0.03 -14.98
C VAL D 132 -16.56 0.23 -14.95
N ALA D 133 -17.25 -0.13 -16.03
CA ALA D 133 -18.72 -0.11 -16.10
C ALA D 133 -19.41 -0.67 -14.87
N LEU D 134 -18.80 -1.62 -14.18
CA LEU D 134 -19.46 -2.24 -13.04
C LEU D 134 -18.99 -1.66 -11.72
N GLY D 135 -18.12 -0.66 -11.76
CA GLY D 135 -17.52 -0.16 -10.54
C GLY D 135 -16.66 -1.18 -9.80
N ALA D 136 -16.20 -2.20 -10.51
CA ALA D 136 -15.26 -3.15 -9.96
C ALA D 136 -13.86 -2.57 -10.03
N LEU D 137 -13.61 -1.73 -11.04
CA LEU D 137 -12.33 -1.03 -11.13
C LEU D 137 -12.57 0.46 -11.11
N ARG D 138 -11.60 1.20 -10.57
CA ARG D 138 -11.62 2.65 -10.65
C ARG D 138 -11.61 3.08 -12.10
N SER D 139 -12.13 4.28 -12.38
CA SER D 139 -12.05 4.82 -13.73
C SER D 139 -10.59 5.06 -14.13
N ASN D 140 -9.79 5.61 -13.20
CA ASN D 140 -8.36 5.86 -13.46
C ASN D 140 -7.41 4.72 -13.05
N TYR D 141 -7.84 3.47 -13.20
CA TYR D 141 -7.01 2.34 -12.75
C TYR D 141 -5.71 2.27 -13.54
N GLU D 142 -4.74 1.52 -13.01
CA GLU D 142 -3.39 1.44 -13.57
C GLU D 142 -3.04 0.01 -13.91
N VAL D 143 -2.36 -0.18 -15.02
CA VAL D 143 -2.04 -1.53 -15.43
C VAL D 143 -0.56 -1.80 -15.19
N LYS D 144 -0.25 -2.94 -14.58
CA LYS D 144 1.13 -3.29 -14.35
C LYS D 144 1.40 -4.63 -14.95
N GLY D 145 2.63 -4.82 -15.41
CA GLY D 145 3.07 -6.13 -15.89
C GLY D 145 3.39 -6.98 -14.68
N HIS D 146 3.24 -8.30 -14.81
CA HIS D 146 3.54 -9.17 -13.68
C HIS D 146 4.95 -8.89 -13.19
N ARG D 147 5.90 -8.80 -14.12
CA ARG D 147 7.33 -8.58 -13.83
C ARG D 147 7.66 -7.23 -13.17
N ASP D 148 6.70 -6.30 -13.19
CA ASP D 148 6.90 -4.99 -12.59
C ASP D 148 6.72 -5.10 -11.09
N VAL D 149 6.37 -6.29 -10.63
CA VAL D 149 5.86 -6.45 -9.28
C VAL D 149 6.36 -7.73 -8.62
N GLN D 150 6.73 -8.71 -9.43
CA GLN D 150 7.35 -9.96 -8.94
C GLN D 150 8.54 -10.27 -9.82
N PRO D 151 9.58 -10.95 -9.29
CA PRO D 151 10.61 -11.41 -10.19
C PRO D 151 10.05 -12.59 -10.97
N THR D 152 9.73 -12.32 -12.22
CA THR D 152 9.27 -13.34 -13.17
C THR D 152 9.53 -12.80 -14.56
N LEU D 153 9.49 -13.69 -15.56
CA LEU D 153 9.60 -13.25 -16.95
C LEU D 153 8.23 -12.86 -17.48
N SER D 154 7.18 -13.36 -16.82
CA SER D 154 5.79 -13.00 -17.16
C SER D 154 5.52 -11.50 -17.15
N PRO D 155 4.67 -11.01 -18.06
CA PRO D 155 3.81 -11.73 -19.01
C PRO D 155 4.47 -12.11 -20.33
N GLY D 156 5.80 -12.15 -20.40
CA GLY D 156 6.52 -12.49 -21.64
C GLY D 156 6.92 -11.26 -22.43
N ASP D 157 8.14 -11.27 -22.98
CA ASP D 157 8.68 -10.09 -23.66
C ASP D 157 7.70 -9.48 -24.65
N ARG D 158 6.97 -10.34 -25.33
CA ARG D 158 6.09 -9.87 -26.39
C ARG D 158 4.84 -9.13 -25.88
N LEU D 159 4.11 -9.76 -24.97
CA LEU D 159 2.98 -9.11 -24.31
C LEU D 159 3.41 -7.85 -23.54
N TYR D 160 4.49 -7.98 -22.78
CA TYR D 160 4.95 -6.90 -21.93
C TYR D 160 5.09 -5.64 -22.79
N GLU D 161 5.64 -5.81 -23.99
CA GLU D 161 5.86 -4.72 -24.93
C GLU D 161 4.51 -4.10 -25.36
N ILE D 162 3.58 -4.97 -25.70
CA ILE D 162 2.22 -4.58 -26.10
C ILE D 162 1.46 -3.81 -25.02
N ILE D 163 1.47 -4.31 -23.77
CA ILE D 163 0.72 -3.66 -22.66
C ILE D 163 1.27 -2.31 -22.22
N GLN D 164 2.49 -2.00 -22.63
CA GLN D 164 3.14 -0.73 -22.27
C GLN D 164 2.69 0.46 -23.12
N THR D 165 2.00 0.14 -24.22
CA THR D 165 1.37 1.14 -25.05
C THR D 165 -0.01 1.49 -24.53
N TRP D 166 -0.50 0.70 -23.56
CA TRP D 166 -1.88 0.81 -23.08
C TRP D 166 -2.20 2.11 -22.38
N SER D 167 -3.38 2.64 -22.69
CA SER D 167 -3.84 3.87 -22.08
C SER D 167 -3.65 3.92 -20.56
N HIS D 168 -3.74 2.77 -19.90
CA HIS D 168 -3.72 2.70 -18.43
C HIS D 168 -2.44 2.11 -17.81
N TYR D 169 -1.42 1.80 -18.60
CA TYR D 169 -0.14 1.33 -18.05
C TYR D 169 0.60 2.44 -17.28
N ARG D 170 0.97 2.19 -16.01
CA ARG D 170 1.82 3.09 -15.24
C ARG D 170 3.01 2.35 -14.68
N ALA D 171 4.20 2.82 -14.76
CA ALA D 171 5.40 2.15 -14.25
C ALA D 171 5.43 2.08 -12.72
O1 TLA E . 6.15 -17.28 -15.97
O11 TLA E . 7.42 -16.55 -17.58
C1 TLA E . 7.22 -17.33 -16.61
C2 TLA E . 8.30 -18.32 -16.22
O2 TLA E . 7.89 -19.10 -15.12
C3 TLA E . 9.60 -17.59 -15.83
O3 TLA E . 9.28 -16.62 -14.86
C4 TLA E . 10.61 -18.49 -15.20
O4 TLA E . 11.03 -18.12 -14.08
O41 TLA E . 11.02 -19.55 -15.73
C1 RAM F . 6.22 -9.49 -2.65
C2 RAM F . 6.31 -9.44 -1.12
C3 RAM F . 6.51 -10.79 -0.39
C4 RAM F . 7.16 -11.86 -1.27
C5 RAM F . 6.57 -11.89 -2.66
C6 RAM F . 7.23 -13.03 -3.44
O1 RAM F . 4.88 -9.33 -3.07
O2 RAM F . 7.38 -8.56 -0.74
O3 RAM F . 7.29 -10.60 0.78
O4 RAM F . 6.95 -13.14 -0.71
O5 RAM F . 6.82 -10.64 -3.27
#